data_3TY7
#
_entry.id   3TY7
#
_cell.length_a   173.448
_cell.length_b   173.448
_cell.length_c   96.569
_cell.angle_alpha   90.00
_cell.angle_beta   90.00
_cell.angle_gamma   120.00
#
_symmetry.space_group_name_H-M   'H 3'
#
loop_
_entity.id
_entity.type
_entity.pdbx_description
1 polymer 'Putative aldehyde dehydrogenase SAV2122'
2 non-polymer GLYCEROL
3 non-polymer DI(HYDROXYETHYL)ETHER
4 non-polymer 'MAGNESIUM ION'
5 water water
#
_entity_poly.entity_id   1
_entity_poly.type   'polypeptide(L)'
_entity_poly.pdbx_seq_one_letter_code
;SNA(MSE)RDYTKQYINGEWVESNSNETIEVINPATEEVIGKVAKGNKADVDKAVEAADDVYLEFRHTSVKERQALLDKI
VKEYENRKDDIVQAITDELGAPLSLSERVHYQ(MSE)GLNHFVAARDALDNYEFEERRGDDLVVKEAIGVSGLITPWNFP
TNQTSLKLAAAFAAGSPVVLKPSEETPFAAVILAEIFDKVGVPKGVFNLVNGDGAGVGNPLSEHPKVR(MSE)(MSE)SF
TGSGPTGSKI(MSE)EKAAKDFKKVSLELGGKSPYIVLDDVDIKEAAKATTGKVVNNTGQVCTAGTRVLVPNKIKDAFLA
ELKEQFSQVRVGNPREDGTQVGPIISKKQFDQVQNYINKGIEEGAELFYGGPGKPEGLEKGYFARPTIFINVDNQ(MSE)
TIAQEEIFGPV(MSE)SVITYNDLDEAIQIANDTKYGLAGYVIGKDKETLHKVARSIEAGTVEINEAGRKPDLPFGGYKQ
SGLGREWGDYGIEEFLEVKSIAGYFK
;
_entity_poly.pdbx_strand_id   A,B
#
loop_
_chem_comp.id
_chem_comp.type
_chem_comp.name
_chem_comp.formula
GOL non-polymer GLYCEROL 'C3 H8 O3'
MG non-polymer 'MAGNESIUM ION' 'Mg 2'
PEG non-polymer DI(HYDROXYETHYL)ETHER 'C4 H10 O3'
#
# COMPACT_ATOMS: atom_id res chain seq x y z
N ALA A 3 40.50 6.97 -16.89
CA ALA A 3 40.23 6.56 -15.52
C ALA A 3 38.94 5.74 -15.43
N MSE A 4 38.94 4.60 -16.10
N MSE A 4 38.92 4.59 -16.09
CA MSE A 4 37.77 3.73 -16.15
CA MSE A 4 37.76 3.72 -16.12
C MSE A 4 37.42 3.15 -14.78
C MSE A 4 37.42 3.15 -14.74
O MSE A 4 38.30 2.92 -13.95
O MSE A 4 38.31 2.88 -13.93
CB MSE A 4 37.98 2.60 -17.15
CB MSE A 4 37.98 2.56 -17.10
CG MSE A 4 38.19 3.07 -18.57
CG MSE A 4 37.57 2.86 -18.54
SE MSE A 4 36.52 3.60 -19.43
SE MSE A 4 35.75 2.27 -18.94
CE MSE A 4 35.60 1.87 -19.36
CE MSE A 4 35.91 0.40 -18.42
N ARG A 5 36.13 2.93 -14.55
N ARG A 5 36.13 2.96 -14.49
CA ARG A 5 35.67 2.35 -13.29
CA ARG A 5 35.67 2.35 -13.25
C ARG A 5 35.17 0.92 -13.52
C ARG A 5 35.19 0.93 -13.52
N ASP A 6 35.80 -0.05 -12.86
CA ASP A 6 35.32 -1.41 -12.98
C ASP A 6 34.51 -1.66 -11.72
N TYR A 7 33.20 -1.62 -11.90
CA TYR A 7 32.24 -1.88 -10.84
C TYR A 7 31.58 -3.26 -10.83
N THR A 8 32.02 -4.13 -11.75
CA THR A 8 31.30 -5.35 -12.08
C THR A 8 30.99 -6.28 -10.91
N LYS A 9 31.68 -6.09 -9.78
CA LYS A 9 31.35 -6.89 -8.61
C LYS A 9 30.07 -6.44 -7.93
N GLN A 10 29.41 -7.37 -7.25
CA GLN A 10 28.19 -7.08 -6.52
C GLN A 10 28.54 -7.05 -5.05
N TYR A 11 27.82 -6.25 -4.27
CA TYR A 11 28.08 -6.26 -2.84
C TYR A 11 27.03 -7.10 -2.15
N ILE A 12 27.45 -8.26 -1.65
CA ILE A 12 26.54 -9.24 -1.07
C ILE A 12 27.17 -9.85 0.17
N ASN A 13 26.41 -9.84 1.25
CA ASN A 13 26.84 -10.43 2.52
C ASN A 13 28.17 -9.89 3.04
N GLY A 14 28.32 -8.57 3.03
CA GLY A 14 29.46 -7.94 3.65
C GLY A 14 30.74 -7.86 2.82
N GLU A 15 30.66 -8.19 1.54
CA GLU A 15 31.85 -8.10 0.68
C GLU A 15 31.54 -7.96 -0.81
N TRP A 16 32.52 -7.49 -1.56
CA TRP A 16 32.40 -7.39 -3.01
C TRP A 16 32.69 -8.75 -3.64
N VAL A 17 31.71 -9.28 -4.37
CA VAL A 17 31.87 -10.58 -5.01
C VAL A 17 31.55 -10.50 -6.49
N GLU A 18 32.19 -11.36 -7.28
CA GLU A 18 31.91 -11.44 -8.70
C GLU A 18 30.46 -11.90 -8.93
N SER A 19 29.80 -11.30 -9.90
CA SER A 19 28.43 -11.67 -10.21
C SER A 19 28.36 -13.09 -10.73
N ASN A 20 27.24 -13.76 -10.51
CA ASN A 20 27.03 -15.09 -11.07
C ASN A 20 26.88 -14.99 -12.60
N SER A 21 26.55 -13.79 -13.06
CA SER A 21 26.44 -13.54 -14.48
C SER A 21 27.80 -13.27 -15.12
N ASN A 22 27.96 -13.70 -16.37
CA ASN A 22 29.19 -13.48 -17.11
C ASN A 22 29.11 -12.22 -17.95
N GLU A 23 28.00 -11.51 -17.85
CA GLU A 23 27.76 -10.34 -18.67
C GLU A 23 27.80 -9.04 -17.88
N THR A 24 28.19 -7.97 -18.56
CA THR A 24 28.33 -6.66 -17.96
C THR A 24 27.47 -5.64 -18.68
N ILE A 25 27.22 -4.52 -18.03
CA ILE A 25 26.51 -3.42 -18.65
C ILE A 25 27.42 -2.21 -18.70
N GLU A 26 27.59 -1.63 -19.89
CA GLU A 26 28.42 -0.44 -20.04
C GLU A 26 27.70 0.78 -19.47
N VAL A 27 28.41 1.54 -18.64
CA VAL A 27 27.90 2.81 -18.16
C VAL A 27 28.42 3.92 -19.07
N ILE A 28 27.53 4.74 -19.58
CA ILE A 28 27.89 5.78 -20.53
C ILE A 28 27.75 7.18 -19.94
N ASN A 29 28.73 8.03 -20.20
CA ASN A 29 28.64 9.45 -19.92
C ASN A 29 27.72 10.09 -20.95
N PRO A 30 26.56 10.60 -20.51
CA PRO A 30 25.56 11.17 -21.42
C PRO A 30 26.06 12.41 -22.15
N ALA A 31 27.04 13.10 -21.57
CA ALA A 31 27.60 14.29 -22.21
C ALA A 31 28.56 13.96 -23.35
N THR A 32 29.48 13.02 -23.12
CA THR A 32 30.46 12.63 -24.14
C THR A 32 30.13 11.37 -24.96
N GLU A 33 29.07 10.65 -24.60
CA GLU A 33 28.71 9.38 -25.24
C GLU A 33 29.71 8.22 -25.05
N GLU A 34 30.85 8.52 -24.42
N GLU A 34 30.85 8.52 -24.42
CA GLU A 34 31.88 7.51 -24.20
CA GLU A 34 31.89 7.52 -24.19
C GLU A 34 31.58 6.60 -23.03
C GLU A 34 31.55 6.58 -23.03
N VAL A 35 32.15 5.40 -23.04
CA VAL A 35 31.97 4.45 -21.95
C VAL A 35 32.91 4.84 -20.81
N ILE A 36 32.33 5.14 -19.65
CA ILE A 36 33.12 5.50 -18.47
C ILE A 36 33.34 4.37 -17.47
N GLY A 37 32.76 3.21 -17.75
CA GLY A 37 32.88 2.08 -16.85
C GLY A 37 31.84 1.00 -17.10
N LYS A 38 31.79 0.01 -16.22
CA LYS A 38 30.80 -1.05 -16.35
C LYS A 38 30.42 -1.68 -15.02
N VAL A 39 29.21 -2.23 -14.98
CA VAL A 39 28.71 -2.96 -13.81
C VAL A 39 28.21 -4.31 -14.28
N ALA A 40 28.00 -5.21 -13.33
CA ALA A 40 27.44 -6.52 -13.65
C ALA A 40 26.05 -6.39 -14.24
N LYS A 41 25.73 -7.31 -15.14
CA LYS A 41 24.35 -7.43 -15.58
C LYS A 41 23.92 -8.61 -14.76
N GLY A 42 23.13 -8.37 -13.72
CA GLY A 42 22.94 -9.36 -12.69
C GLY A 42 21.82 -10.33 -12.99
N ASN A 43 21.81 -11.46 -12.29
CA ASN A 43 20.80 -12.48 -12.52
C ASN A 43 20.07 -12.87 -11.25
N LYS A 44 19.19 -13.86 -11.36
CA LYS A 44 18.40 -14.35 -10.25
C LYS A 44 19.31 -14.89 -9.15
N ALA A 45 20.40 -15.53 -9.54
CA ALA A 45 21.35 -16.12 -8.60
C ALA A 45 21.94 -15.07 -7.66
N ASP A 46 22.29 -13.92 -8.21
CA ASP A 46 22.80 -12.81 -7.39
C ASP A 46 21.75 -12.41 -6.38
N VAL A 47 20.53 -12.20 -6.87
CA VAL A 47 19.40 -11.82 -6.04
C VAL A 47 19.17 -12.82 -4.92
N ASP A 48 19.13 -14.10 -5.28
CA ASP A 48 18.88 -15.15 -4.30
C ASP A 48 19.98 -15.22 -3.24
N LYS A 49 21.23 -15.02 -3.65
CA LYS A 49 22.33 -15.01 -2.70
C LYS A 49 22.20 -13.82 -1.76
N ALA A 50 21.85 -12.67 -2.32
CA ALA A 50 21.71 -11.45 -1.55
C ALA A 50 20.49 -11.49 -0.62
N VAL A 51 19.37 -11.98 -1.13
CA VAL A 51 18.15 -12.09 -0.33
C VAL A 51 18.34 -13.05 0.83
N GLU A 52 19.04 -14.16 0.57
N GLU A 52 19.07 -14.15 0.58
CA GLU A 52 19.33 -15.13 1.63
CA GLU A 52 19.32 -15.13 1.62
C GLU A 52 20.19 -14.50 2.72
C GLU A 52 20.23 -14.57 2.70
N ALA A 53 21.19 -13.73 2.29
CA ALA A 53 22.10 -13.08 3.24
C ALA A 53 21.34 -12.08 4.09
N ALA A 54 20.40 -11.37 3.47
CA ALA A 54 19.56 -10.42 4.18
C ALA A 54 18.63 -11.17 5.15
N ASP A 55 18.08 -12.28 4.67
CA ASP A 55 17.14 -13.06 5.47
C ASP A 55 17.80 -13.63 6.72
N ASP A 56 19.08 -13.99 6.58
CA ASP A 56 19.81 -14.56 7.71
C ASP A 56 20.01 -13.55 8.84
N VAL A 57 20.14 -12.27 8.48
CA VAL A 57 20.39 -11.23 9.47
C VAL A 57 19.17 -10.42 9.94
N TYR A 58 17.99 -10.67 9.37
CA TYR A 58 16.87 -9.72 9.57
C TYR A 58 16.34 -9.64 11.01
N LEU A 59 16.27 -10.77 11.69
CA LEU A 59 15.85 -10.79 13.09
C LEU A 59 16.89 -10.06 13.95
N GLU A 60 18.15 -10.30 13.65
CA GLU A 60 19.25 -9.68 14.38
C GLU A 60 19.22 -8.17 14.22
N PHE A 61 18.93 -7.71 13.00
CA PHE A 61 18.89 -6.27 12.74
C PHE A 61 17.66 -5.62 13.37
N ARG A 62 16.52 -6.31 13.25
CA ARG A 62 15.26 -5.81 13.81
C ARG A 62 15.38 -5.52 15.29
N HIS A 63 16.00 -6.43 16.01
CA HIS A 63 16.08 -6.33 17.46
C HIS A 63 17.34 -5.64 17.97
N THR A 64 18.16 -5.15 17.03
CA THR A 64 19.23 -4.24 17.37
C THR A 64 18.62 -3.00 18.01
N SER A 65 19.22 -2.53 19.10
CA SER A 65 18.69 -1.38 19.83
C SER A 65 18.67 -0.12 18.96
N VAL A 66 17.73 0.76 19.24
CA VAL A 66 17.60 2.02 18.52
C VAL A 66 18.87 2.86 18.62
N LYS A 67 19.44 2.92 19.82
CA LYS A 67 20.69 3.65 20.03
C LYS A 67 21.82 3.11 19.15
N GLU A 68 21.85 1.79 19.00
CA GLU A 68 22.89 1.15 18.20
C GLU A 68 22.73 1.47 16.72
N ARG A 69 21.47 1.51 16.26
CA ARG A 69 21.19 1.82 14.86
C ARG A 69 21.46 3.30 14.57
N GLN A 70 21.19 4.15 15.56
CA GLN A 70 21.46 5.57 15.43
C GLN A 70 22.96 5.82 15.33
N ALA A 71 23.74 5.04 16.08
CA ALA A 71 25.19 5.17 16.06
C ALA A 71 25.73 4.81 14.67
N LEU A 72 25.14 3.78 14.07
CA LEU A 72 25.55 3.33 12.73
C LEU A 72 25.27 4.43 11.71
N LEU A 73 24.10 5.04 11.80
CA LEU A 73 23.72 6.13 10.92
C LEU A 73 24.67 7.33 11.06
N ASP A 74 25.19 7.55 12.26
CA ASP A 74 26.14 8.62 12.46
C ASP A 74 27.46 8.34 11.76
N LYS A 75 27.91 7.10 11.82
CA LYS A 75 29.11 6.68 11.10
C LYS A 75 28.92 6.91 9.61
N ILE A 76 27.73 6.58 9.12
CA ILE A 76 27.40 6.75 7.71
C ILE A 76 27.44 8.22 7.32
N VAL A 77 26.87 9.07 8.18
CA VAL A 77 26.91 10.52 7.98
C VAL A 77 28.34 11.04 7.83
N LYS A 78 29.22 10.63 8.74
CA LYS A 78 30.61 11.06 8.71
C LYS A 78 31.33 10.62 7.43
N GLU A 79 31.25 9.33 7.12
CA GLU A 79 31.95 8.78 5.97
C GLU A 79 31.40 9.31 4.65
N TYR A 80 30.10 9.55 4.61
CA TYR A 80 29.47 10.14 3.42
C TYR A 80 30.11 11.49 3.11
N GLU A 81 30.38 12.27 4.15
CA GLU A 81 31.01 13.57 3.97
C GLU A 81 32.45 13.40 3.48
N ASN A 82 33.11 12.35 3.92
CA ASN A 82 34.46 12.03 3.46
C ASN A 82 34.51 11.77 1.96
N ARG A 83 33.42 11.27 1.42
CA ARG A 83 33.34 10.86 0.01
C ARG A 83 32.82 11.94 -0.91
N LYS A 84 32.61 13.14 -0.38
CA LYS A 84 31.93 14.21 -1.09
C LYS A 84 32.40 14.45 -2.53
N ASP A 85 33.71 14.60 -2.72
CA ASP A 85 34.23 14.88 -4.06
C ASP A 85 34.00 13.69 -5.01
N ASP A 86 34.17 12.48 -4.49
CA ASP A 86 33.94 11.27 -5.27
C ASP A 86 32.49 11.19 -5.74
N ILE A 87 31.58 11.57 -4.86
CA ILE A 87 30.14 11.54 -5.15
C ILE A 87 29.77 12.57 -6.21
N VAL A 88 30.29 13.79 -6.07
CA VAL A 88 30.02 14.85 -7.03
C VAL A 88 30.55 14.50 -8.42
N GLN A 89 31.76 13.95 -8.48
CA GLN A 89 32.36 13.56 -9.75
C GLN A 89 31.56 12.45 -10.42
N ALA A 90 31.11 11.49 -9.63
CA ALA A 90 30.37 10.34 -10.15
C ALA A 90 29.03 10.75 -10.75
N ILE A 91 28.28 11.57 -10.01
CA ILE A 91 26.99 12.05 -10.46
C ILE A 91 27.12 12.83 -11.77
N THR A 92 28.05 13.77 -11.81
CA THR A 92 28.31 14.54 -13.02
C THR A 92 28.61 13.62 -14.20
N ASP A 93 29.50 12.65 -13.97
CA ASP A 93 29.92 11.73 -15.02
C ASP A 93 28.78 10.85 -15.54
N GLU A 94 28.08 10.17 -14.63
CA GLU A 94 27.05 9.23 -15.05
C GLU A 94 25.70 9.87 -15.43
N LEU A 95 25.26 10.85 -14.64
CA LEU A 95 23.98 11.50 -14.89
C LEU A 95 24.04 12.58 -15.97
N GLY A 96 25.10 13.38 -15.94
CA GLY A 96 25.24 14.50 -16.84
C GLY A 96 24.83 15.81 -16.19
N ALA A 97 24.64 15.76 -14.88
CA ALA A 97 24.29 16.94 -14.11
C ALA A 97 25.46 17.90 -14.04
N PRO A 98 25.20 19.21 -14.20
CA PRO A 98 26.22 20.26 -14.07
C PRO A 98 26.92 20.15 -12.72
N LEU A 99 28.22 20.43 -12.69
CA LEU A 99 29.03 20.23 -11.50
C LEU A 99 28.46 20.91 -10.26
N SER A 100 27.95 22.13 -10.43
CA SER A 100 27.40 22.90 -9.32
C SER A 100 26.14 22.25 -8.73
N LEU A 101 25.30 21.71 -9.60
CA LEU A 101 24.09 21.04 -9.16
C LEU A 101 24.40 19.65 -8.58
N SER A 102 25.49 19.05 -9.05
CA SER A 102 25.93 17.77 -8.50
C SER A 102 26.25 17.90 -7.01
N GLU A 103 26.97 18.95 -6.64
CA GLU A 103 27.34 19.16 -5.24
C GLU A 103 26.19 19.71 -4.38
N ARG A 104 25.55 20.77 -4.82
CA ARG A 104 24.58 21.47 -4.00
C ARG A 104 23.18 20.83 -3.95
N VAL A 105 22.84 20.09 -4.99
CA VAL A 105 21.55 19.39 -5.02
C VAL A 105 21.71 17.89 -4.76
N HIS A 106 22.38 17.21 -5.67
CA HIS A 106 22.49 15.75 -5.60
C HIS A 106 23.25 15.26 -4.37
N TYR A 107 24.46 15.77 -4.17
CA TYR A 107 25.25 15.39 -3.01
C TYR A 107 24.56 15.74 -1.69
N GLN A 108 24.01 16.96 -1.63
CA GLN A 108 23.38 17.44 -0.40
C GLN A 108 22.13 16.65 0.01
N MSE A 109 21.32 16.28 -0.99
CA MSE A 109 20.13 15.46 -0.76
C MSE A 109 20.47 14.22 0.03
O MSE A 109 19.85 13.91 1.04
CB MSE A 109 19.51 15.03 -2.10
CG MSE A 109 18.59 16.03 -2.76
SE MSE A 109 18.06 15.37 -4.53
CE MSE A 109 16.77 16.76 -4.99
N GLY A 110 21.48 13.49 -0.45
CA GLY A 110 21.91 12.26 0.17
C GLY A 110 22.31 12.44 1.62
N LEU A 111 23.17 13.44 1.85
CA LEU A 111 23.64 13.73 3.20
C LEU A 111 22.49 14.10 4.12
N ASN A 112 21.55 14.88 3.60
CA ASN A 112 20.39 15.31 4.38
C ASN A 112 19.54 14.15 4.86
N HIS A 113 19.31 13.19 3.97
CA HIS A 113 18.49 12.03 4.29
C HIS A 113 19.10 11.23 5.44
N PHE A 114 20.42 11.05 5.39
CA PHE A 114 21.11 10.32 6.45
C PHE A 114 21.13 11.08 7.77
N VAL A 115 21.33 12.40 7.70
CA VAL A 115 21.31 13.22 8.90
C VAL A 115 19.92 13.20 9.53
N ALA A 116 18.90 13.37 8.70
CA ALA A 116 17.53 13.42 9.16
C ALA A 116 17.12 12.11 9.83
N ALA A 117 17.57 10.99 9.27
CA ALA A 117 17.21 9.68 9.80
C ALA A 117 17.85 9.44 11.16
N ARG A 118 19.12 9.80 11.28
CA ARG A 118 19.84 9.70 12.53
C ARG A 118 19.19 10.58 13.63
N ASP A 119 18.83 11.81 13.26
CA ASP A 119 18.25 12.73 14.22
C ASP A 119 16.85 12.30 14.66
N ALA A 120 16.09 11.75 13.71
CA ALA A 120 14.74 11.29 14.00
C ALA A 120 14.71 10.30 15.15
N LEU A 121 15.76 9.48 15.23
CA LEU A 121 15.85 8.45 16.26
C LEU A 121 16.03 9.00 17.68
N ASP A 122 16.29 10.30 17.81
CA ASP A 122 16.31 10.91 19.13
C ASP A 122 14.94 10.80 19.80
N ASN A 123 13.93 11.35 19.14
CA ASN A 123 12.57 11.36 19.69
C ASN A 123 11.57 10.32 19.17
N TYR A 124 11.98 9.49 18.21
CA TYR A 124 11.03 8.53 17.63
C TYR A 124 10.61 7.49 18.67
N GLU A 125 9.31 7.26 18.78
CA GLU A 125 8.80 6.30 19.76
C GLU A 125 8.43 4.97 19.12
N PHE A 126 9.22 3.95 19.44
CA PHE A 126 8.96 2.60 18.92
C PHE A 126 8.08 1.80 19.87
N GLU A 127 7.88 2.33 21.07
CA GLU A 127 7.07 1.64 22.07
C GLU A 127 6.16 2.62 22.81
N GLU A 128 4.90 2.23 22.95
CA GLU A 128 3.92 3.06 23.63
C GLU A 128 3.01 2.17 24.48
N ARG A 129 2.80 2.55 25.73
CA ARG A 129 1.91 1.79 26.60
C ARG A 129 0.49 2.34 26.55
N ARG A 130 -0.47 1.46 26.32
CA ARG A 130 -1.87 1.84 26.43
C ARG A 130 -2.57 0.86 27.36
N GLY A 131 -3.01 1.37 28.51
CA GLY A 131 -3.60 0.51 29.53
C GLY A 131 -2.64 -0.61 29.91
N ASP A 132 -3.12 -1.83 29.80
CA ASP A 132 -2.32 -3.01 30.09
C ASP A 132 -1.66 -3.55 28.84
N ASP A 133 -1.85 -2.83 27.73
CA ASP A 133 -1.34 -3.27 26.43
C ASP A 133 -0.11 -2.47 26.00
N LEU A 134 0.78 -3.14 25.29
CA LEU A 134 1.96 -2.50 24.74
C LEU A 134 1.94 -2.51 23.21
N VAL A 135 2.04 -1.32 22.62
CA VAL A 135 2.13 -1.21 21.17
C VAL A 135 3.58 -0.98 20.77
N VAL A 136 4.10 -1.84 19.89
CA VAL A 136 5.47 -1.70 19.41
C VAL A 136 5.54 -1.52 17.90
N LYS A 137 6.61 -0.87 17.44
CA LYS A 137 6.91 -0.77 16.02
C LYS A 137 8.24 -1.44 15.74
N GLU A 138 8.25 -2.37 14.79
CA GLU A 138 9.45 -3.11 14.45
C GLU A 138 9.70 -3.08 12.95
N ALA A 139 10.95 -3.34 12.57
CA ALA A 139 11.32 -3.48 11.17
C ALA A 139 10.48 -4.55 10.46
N ILE A 140 10.06 -4.23 9.24
CA ILE A 140 9.25 -5.15 8.46
C ILE A 140 10.10 -6.34 7.96
N GLY A 141 11.42 -6.21 8.03
CA GLY A 141 12.29 -7.25 7.54
C GLY A 141 12.85 -6.98 6.15
N VAL A 142 13.27 -8.03 5.47
CA VAL A 142 14.00 -7.91 4.21
C VAL A 142 13.25 -7.07 3.18
N SER A 143 13.93 -6.06 2.65
CA SER A 143 13.31 -5.09 1.76
C SER A 143 14.07 -4.95 0.45
N GLY A 144 13.36 -5.08 -0.67
CA GLY A 144 13.98 -4.80 -1.97
C GLY A 144 13.85 -3.33 -2.31
N LEU A 145 14.86 -2.79 -2.99
CA LEU A 145 14.87 -1.39 -3.40
C LEU A 145 15.28 -1.23 -4.86
N ILE A 146 14.41 -0.60 -5.65
CA ILE A 146 14.72 -0.30 -7.05
C ILE A 146 14.61 1.19 -7.30
N THR A 147 15.72 1.82 -7.66
CA THR A 147 15.84 3.28 -7.63
C THR A 147 16.05 3.91 -9.01
N PRO A 148 15.59 5.18 -9.18
CA PRO A 148 15.62 5.89 -10.47
C PRO A 148 17.00 6.42 -10.82
N TRP A 149 17.22 6.69 -12.10
CA TRP A 149 18.43 7.36 -12.56
C TRP A 149 18.41 8.88 -12.38
N ASN A 150 17.24 9.50 -12.50
CA ASN A 150 17.16 10.97 -12.55
C ASN A 150 17.71 11.69 -11.31
N PHE A 151 17.57 11.06 -10.15
CA PHE A 151 18.22 11.53 -8.94
C PHE A 151 18.80 10.34 -8.19
N PRO A 152 20.00 9.90 -8.59
CA PRO A 152 20.60 8.66 -8.09
C PRO A 152 20.90 8.67 -6.60
N THR A 153 21.24 9.84 -6.04
CA THR A 153 21.45 9.96 -4.60
C THR A 153 20.16 10.16 -3.79
N ASN A 154 19.10 10.60 -4.44
CA ASN A 154 17.93 11.05 -3.71
C ASN A 154 17.11 9.91 -3.12
N GLN A 155 16.45 9.15 -4.00
CA GLN A 155 15.59 8.06 -3.55
C GLN A 155 16.42 6.99 -2.87
N THR A 156 17.64 6.79 -3.35
CA THR A 156 18.53 5.78 -2.81
C THR A 156 18.87 6.05 -1.34
N SER A 157 19.39 7.24 -1.06
CA SER A 157 19.76 7.60 0.30
C SER A 157 18.55 7.62 1.23
N LEU A 158 17.42 8.11 0.70
CA LEU A 158 16.21 8.21 1.48
C LEU A 158 15.78 6.84 2.00
N LYS A 159 15.63 5.88 1.09
CA LYS A 159 15.16 4.54 1.45
C LYS A 159 16.16 3.78 2.34
N LEU A 160 17.44 3.94 2.05
CA LEU A 160 18.49 3.27 2.85
C LEU A 160 18.53 3.81 4.28
N ALA A 161 18.48 5.13 4.41
CA ALA A 161 18.47 5.77 5.71
C ALA A 161 17.26 5.34 6.54
N ALA A 162 16.10 5.26 5.88
CA ALA A 162 14.87 4.86 6.56
C ALA A 162 14.94 3.39 6.99
N ALA A 163 15.42 2.54 6.09
CA ALA A 163 15.50 1.11 6.38
C ALA A 163 16.47 0.82 7.50
N PHE A 164 17.61 1.51 7.50
CA PHE A 164 18.62 1.35 8.54
C PHE A 164 18.09 1.86 9.86
N ALA A 165 17.42 3.01 9.84
CA ALA A 165 16.80 3.54 11.04
C ALA A 165 15.75 2.58 11.60
N ALA A 166 15.01 1.94 10.69
CA ALA A 166 13.95 1.01 11.09
C ALA A 166 14.49 -0.35 11.53
N GLY A 167 15.65 -0.72 10.99
CA GLY A 167 16.23 -2.02 11.27
C GLY A 167 15.89 -3.08 10.24
N SER A 168 15.52 -2.63 9.04
CA SER A 168 15.26 -3.55 7.93
C SER A 168 16.49 -3.69 7.05
N PRO A 169 16.94 -4.93 6.80
CA PRO A 169 18.06 -5.16 5.88
C PRO A 169 17.56 -5.02 4.45
N VAL A 170 18.45 -4.67 3.51
CA VAL A 170 18.00 -4.37 2.16
C VAL A 170 18.82 -5.06 1.05
N VAL A 171 18.18 -5.23 -0.09
CA VAL A 171 18.86 -5.59 -1.32
C VAL A 171 18.54 -4.49 -2.32
N LEU A 172 19.56 -3.82 -2.80
CA LEU A 172 19.36 -2.65 -3.66
C LEU A 172 19.75 -2.96 -5.11
N LYS A 173 18.85 -2.64 -6.04
CA LYS A 173 19.23 -2.55 -7.43
C LYS A 173 19.07 -1.10 -7.90
N PRO A 174 20.20 -0.40 -8.08
CA PRO A 174 20.18 0.95 -8.65
C PRO A 174 19.92 0.87 -10.14
N SER A 175 19.55 1.99 -10.74
CA SER A 175 19.40 2.07 -12.18
C SER A 175 20.74 1.73 -12.81
N GLU A 176 20.73 0.86 -13.81
CA GLU A 176 21.96 0.50 -14.51
C GLU A 176 22.48 1.71 -15.30
N GLU A 177 21.65 2.73 -15.41
CA GLU A 177 22.02 3.98 -16.08
C GLU A 177 22.93 4.83 -15.20
N THR A 178 22.68 4.82 -13.89
CA THR A 178 23.50 5.60 -12.95
C THR A 178 23.86 4.82 -11.68
N PRO A 179 24.62 3.71 -11.82
CA PRO A 179 25.04 2.85 -10.71
C PRO A 179 26.14 3.42 -9.79
N PHE A 180 26.90 4.40 -10.25
CA PHE A 180 28.14 4.79 -9.57
C PHE A 180 27.94 5.34 -8.15
N ALA A 181 26.94 6.19 -7.98
CA ALA A 181 26.64 6.74 -6.68
C ALA A 181 26.27 5.63 -5.69
N ALA A 182 25.53 4.64 -6.17
CA ALA A 182 25.12 3.51 -5.32
C ALA A 182 26.33 2.68 -4.90
N VAL A 183 27.27 2.49 -5.81
CA VAL A 183 28.50 1.78 -5.53
C VAL A 183 29.28 2.48 -4.40
N ILE A 184 29.33 3.81 -4.47
CA ILE A 184 30.05 4.58 -3.45
C ILE A 184 29.38 4.43 -2.07
N LEU A 185 28.05 4.46 -2.06
CA LEU A 185 27.30 4.19 -0.84
C LEU A 185 27.65 2.82 -0.26
N ALA A 186 27.80 1.82 -1.12
CA ALA A 186 28.19 0.48 -0.70
C ALA A 186 29.59 0.51 -0.08
N GLU A 187 30.50 1.23 -0.72
CA GLU A 187 31.85 1.38 -0.20
C GLU A 187 31.80 2.04 1.18
N ILE A 188 30.96 3.05 1.30
CA ILE A 188 30.76 3.75 2.56
C ILE A 188 30.24 2.80 3.64
N PHE A 189 29.21 2.03 3.30
CA PHE A 189 28.60 1.10 4.24
C PHE A 189 29.60 0.03 4.67
N ASP A 190 30.42 -0.41 3.71
CA ASP A 190 31.42 -1.44 3.98
C ASP A 190 32.50 -0.91 4.92
N LYS A 191 32.88 0.36 4.73
CA LYS A 191 33.94 0.96 5.53
C LYS A 191 33.50 1.20 6.98
N VAL A 192 32.27 1.68 7.16
CA VAL A 192 31.78 1.95 8.51
C VAL A 192 31.29 0.66 9.15
N GLY A 193 31.26 -0.40 8.35
CA GLY A 193 30.94 -1.72 8.85
C GLY A 193 29.48 -1.91 9.25
N VAL A 194 28.55 -1.53 8.39
CA VAL A 194 27.17 -1.95 8.62
C VAL A 194 27.20 -3.48 8.55
N PRO A 195 26.50 -4.14 9.48
CA PRO A 195 26.65 -5.58 9.67
C PRO A 195 26.46 -6.39 8.40
N LYS A 196 27.22 -7.47 8.30
CA LYS A 196 27.17 -8.35 7.15
C LYS A 196 25.74 -8.87 6.90
N GLY A 197 25.24 -8.68 5.69
CA GLY A 197 23.90 -9.10 5.31
C GLY A 197 22.85 -8.00 5.34
N VAL A 198 23.13 -6.93 6.08
CA VAL A 198 22.18 -5.84 6.24
C VAL A 198 22.03 -5.00 4.98
N PHE A 199 23.14 -4.82 4.26
CA PHE A 199 23.08 -4.11 2.99
C PHE A 199 23.65 -4.95 1.86
N ASN A 200 22.91 -5.01 0.77
CA ASN A 200 23.37 -5.73 -0.41
C ASN A 200 23.06 -4.95 -1.67
N LEU A 201 24.05 -4.91 -2.56
CA LEU A 201 23.93 -4.16 -3.81
C LEU A 201 24.02 -5.11 -5.00
N VAL A 202 22.94 -5.23 -5.76
CA VAL A 202 22.96 -6.05 -6.95
C VAL A 202 22.66 -5.21 -8.18
N ASN A 203 23.68 -5.02 -9.02
CA ASN A 203 23.53 -4.30 -10.27
C ASN A 203 22.94 -5.18 -11.35
N GLY A 204 22.19 -4.56 -12.26
CA GLY A 204 21.55 -5.28 -13.35
C GLY A 204 20.35 -4.53 -13.89
N ASP A 205 19.56 -5.19 -14.74
CA ASP A 205 18.39 -4.54 -15.32
C ASP A 205 17.11 -5.16 -14.78
N GLY A 206 15.97 -4.68 -15.26
CA GLY A 206 14.69 -5.14 -14.78
C GLY A 206 14.48 -6.63 -14.91
N ALA A 207 14.90 -7.20 -16.05
CA ALA A 207 14.68 -8.61 -16.32
C ALA A 207 15.57 -9.52 -15.50
N GLY A 208 16.85 -9.17 -15.41
CA GLY A 208 17.83 -10.00 -14.72
C GLY A 208 17.76 -9.88 -13.22
N VAL A 209 17.46 -8.68 -12.73
CA VAL A 209 17.50 -8.37 -11.30
C VAL A 209 16.14 -7.92 -10.75
N GLY A 210 15.62 -6.82 -11.31
CA GLY A 210 14.35 -6.28 -10.85
C GLY A 210 13.22 -7.29 -10.75
N ASN A 211 12.99 -8.07 -11.79
CA ASN A 211 11.95 -9.10 -11.75
C ASN A 211 12.13 -10.15 -10.64
N PRO A 212 13.30 -10.83 -10.58
CA PRO A 212 13.47 -11.86 -9.54
C PRO A 212 13.40 -11.31 -8.12
N LEU A 213 13.85 -10.07 -7.93
CA LEU A 213 13.84 -9.45 -6.62
C LEU A 213 12.41 -9.23 -6.16
N SER A 214 11.57 -8.74 -7.09
CA SER A 214 10.17 -8.49 -6.79
C SER A 214 9.38 -9.79 -6.63
N GLU A 215 9.91 -10.87 -7.19
CA GLU A 215 9.26 -12.17 -7.08
C GLU A 215 9.70 -13.02 -5.88
N HIS A 216 10.76 -12.58 -5.20
CA HIS A 216 11.36 -13.45 -4.18
C HIS A 216 10.48 -13.56 -2.95
N PRO A 217 10.17 -14.80 -2.54
CA PRO A 217 9.24 -15.05 -1.43
C PRO A 217 9.74 -14.53 -0.09
N LYS A 218 11.06 -14.35 0.05
CA LYS A 218 11.62 -13.89 1.32
C LYS A 218 11.82 -12.38 1.40
N VAL A 219 11.41 -11.66 0.36
CA VAL A 219 11.38 -10.21 0.41
C VAL A 219 9.98 -9.79 0.89
N ARG A 220 9.92 -9.18 2.07
CA ARG A 220 8.64 -8.81 2.65
C ARG A 220 8.18 -7.41 2.26
N MSE A 221 9.08 -6.64 1.68
CA MSE A 221 8.77 -5.25 1.34
C MSE A 221 9.46 -4.85 0.04
O MSE A 221 10.64 -5.11 -0.15
CB MSE A 221 9.21 -4.34 2.49
CG MSE A 221 8.39 -3.07 2.63
SE MSE A 221 9.21 -1.56 1.73
CE MSE A 221 7.58 -0.57 1.34
N MSE A 222 8.71 -4.18 -0.83
CA MSE A 222 9.25 -3.75 -2.11
C MSE A 222 9.07 -2.25 -2.28
O MSE A 222 7.94 -1.74 -2.26
CB MSE A 222 8.57 -4.51 -3.25
CG MSE A 222 9.39 -4.59 -4.52
SE MSE A 222 10.94 -5.77 -4.34
CE MSE A 222 11.96 -5.11 -5.87
N SER A 223 10.17 -1.52 -2.45
CA SER A 223 10.10 -0.08 -2.69
C SER A 223 10.67 0.26 -4.06
N PHE A 224 9.81 0.73 -4.95
CA PHE A 224 10.18 1.01 -6.34
C PHE A 224 10.02 2.47 -6.70
N THR A 225 10.93 2.96 -7.55
CA THR A 225 10.84 4.30 -8.09
C THR A 225 11.22 4.29 -9.57
N GLY A 226 10.35 4.87 -10.40
CA GLY A 226 10.58 4.80 -11.84
C GLY A 226 9.34 4.94 -12.70
N SER A 227 9.42 4.40 -13.91
CA SER A 227 8.38 4.53 -14.93
C SER A 227 7.08 3.83 -14.56
N GLY A 228 6.00 4.25 -15.21
CA GLY A 228 4.69 3.66 -15.01
C GLY A 228 4.56 2.17 -15.30
N PRO A 229 4.93 1.73 -16.52
CA PRO A 229 4.81 0.31 -16.88
C PRO A 229 5.59 -0.62 -15.96
N THR A 230 6.83 -0.27 -15.64
CA THR A 230 7.65 -1.07 -14.73
C THR A 230 7.05 -1.05 -13.33
N GLY A 231 6.42 0.07 -12.98
CA GLY A 231 5.68 0.18 -11.74
C GLY A 231 4.60 -0.88 -11.63
N SER A 232 4.06 -1.27 -12.77
CA SER A 232 3.08 -2.34 -12.83
C SER A 232 3.75 -3.67 -13.20
N MSE A 235 4.37 -4.17 -9.35
CA MSE A 235 3.23 -4.19 -8.44
C MSE A 235 2.37 -5.44 -8.68
O MSE A 235 1.67 -5.91 -7.78
CB MSE A 235 2.38 -2.93 -8.62
CG MSE A 235 1.36 -2.70 -7.53
SE MSE A 235 0.38 -1.03 -7.77
CE MSE A 235 -0.71 -1.08 -6.15
N GLU A 236 2.45 -5.98 -9.89
CA GLU A 236 1.70 -7.18 -10.23
C GLU A 236 2.38 -8.43 -9.70
N LYS A 237 3.70 -8.44 -9.70
CA LYS A 237 4.46 -9.59 -9.22
C LYS A 237 4.61 -9.59 -7.71
N ALA A 238 4.36 -8.43 -7.10
CA ALA A 238 4.42 -8.32 -5.65
C ALA A 238 3.05 -8.57 -5.02
N ALA A 239 2.03 -8.68 -5.87
CA ALA A 239 0.67 -8.96 -5.40
C ALA A 239 0.46 -10.46 -5.21
N LYS A 240 1.35 -11.25 -5.79
CA LYS A 240 1.29 -12.71 -5.63
C LYS A 240 1.84 -13.09 -4.26
N ASP A 241 2.91 -12.42 -3.88
CA ASP A 241 3.60 -12.68 -2.61
C ASP A 241 3.02 -11.82 -1.50
N PHE A 242 2.15 -10.89 -1.88
CA PHE A 242 1.55 -9.93 -0.95
C PHE A 242 2.61 -9.09 -0.23
N LYS A 243 3.58 -8.60 -1.01
CA LYS A 243 4.58 -7.68 -0.51
C LYS A 243 3.97 -6.30 -0.35
N LYS A 244 4.47 -5.54 0.62
CA LYS A 244 4.08 -4.14 0.77
C LYS A 244 4.79 -3.32 -0.32
N VAL A 245 4.02 -2.59 -1.10
CA VAL A 245 4.56 -1.86 -2.25
C VAL A 245 4.45 -0.34 -2.09
N SER A 246 5.57 0.35 -2.27
CA SER A 246 5.59 1.80 -2.27
C SER A 246 5.65 2.32 -3.70
N LEU A 247 4.56 2.94 -4.15
CA LEU A 247 4.49 3.45 -5.51
C LEU A 247 5.29 4.74 -5.71
N GLU A 248 5.88 4.88 -6.88
CA GLU A 248 6.47 6.15 -7.28
C GLU A 248 6.04 6.48 -8.71
N LEU A 249 5.60 7.71 -8.89
CA LEU A 249 4.79 8.08 -10.04
C LEU A 249 5.47 9.11 -10.91
N GLY A 250 5.22 9.02 -12.21
CA GLY A 250 5.56 10.08 -13.14
C GLY A 250 4.45 11.10 -13.07
N GLY A 251 4.51 12.13 -13.90
CA GLY A 251 3.44 13.12 -13.91
C GLY A 251 3.47 14.13 -15.03
N LYS A 252 2.29 14.68 -15.32
CA LYS A 252 2.19 15.88 -16.13
C LYS A 252 1.65 16.94 -15.18
N SER A 253 2.49 17.89 -14.81
CA SER A 253 2.11 18.86 -13.80
C SER A 253 1.77 20.22 -14.41
N PRO A 254 0.54 20.67 -14.16
CA PRO A 254 0.12 21.97 -14.70
C PRO A 254 0.79 23.11 -13.95
N TYR A 255 1.21 24.14 -14.69
CA TYR A 255 1.62 25.39 -14.07
C TYR A 255 0.63 26.45 -14.51
N ILE A 256 -0.20 26.91 -13.59
CA ILE A 256 -1.22 27.89 -13.93
C ILE A 256 -0.73 29.31 -13.69
N VAL A 257 -0.77 30.11 -14.75
CA VAL A 257 -0.37 31.50 -14.67
C VAL A 257 -1.61 32.39 -14.61
N LEU A 258 -1.71 33.22 -13.57
CA LEU A 258 -2.82 34.16 -13.45
C LEU A 258 -2.58 35.37 -14.35
N ASP A 259 -3.67 36.02 -14.76
CA ASP A 259 -3.55 37.16 -15.66
C ASP A 259 -2.98 38.43 -14.99
N ASP A 260 -2.86 38.41 -13.68
CA ASP A 260 -2.32 39.55 -12.96
C ASP A 260 -0.82 39.42 -12.73
N VAL A 261 -0.25 38.35 -13.25
CA VAL A 261 1.14 38.04 -12.98
C VAL A 261 2.09 39.09 -13.54
N ASP A 262 3.23 39.26 -12.90
CA ASP A 262 4.36 39.92 -13.55
C ASP A 262 4.83 38.91 -14.59
N ILE A 263 4.87 39.36 -15.84
CA ILE A 263 5.08 38.44 -16.96
C ILE A 263 6.50 37.88 -17.03
N LYS A 264 7.49 38.72 -16.75
CA LYS A 264 8.88 38.26 -16.76
C LYS A 264 9.11 37.19 -15.68
N GLU A 265 8.51 37.40 -14.52
CA GLU A 265 8.65 36.46 -13.41
C GLU A 265 7.97 35.12 -13.71
N ALA A 266 6.81 35.18 -14.36
CA ALA A 266 6.10 33.96 -14.74
C ALA A 266 6.92 33.18 -15.75
N ALA A 267 7.46 33.90 -16.73
CA ALA A 267 8.31 33.31 -17.76
C ALA A 267 9.53 32.63 -17.14
N LYS A 268 10.17 33.31 -16.19
CA LYS A 268 11.32 32.75 -15.50
C LYS A 268 10.96 31.48 -14.73
N ALA A 269 9.87 31.54 -13.98
CA ALA A 269 9.45 30.44 -13.12
C ALA A 269 9.06 29.20 -13.91
N THR A 270 8.26 29.39 -14.96
CA THR A 270 7.78 28.26 -15.75
C THR A 270 8.89 27.64 -16.56
N THR A 271 9.80 28.48 -17.07
CA THR A 271 10.97 27.99 -17.78
C THR A 271 11.80 27.10 -16.85
N GLY A 272 11.96 27.55 -15.61
CA GLY A 272 12.71 26.80 -14.62
C GLY A 272 12.15 25.44 -14.32
N LYS A 273 10.82 25.33 -14.23
CA LYS A 273 10.19 24.04 -13.94
C LYS A 273 10.39 23.04 -15.07
N VAL A 274 10.39 23.54 -16.30
CA VAL A 274 10.55 22.68 -17.46
C VAL A 274 12.02 22.32 -17.72
N VAL A 275 12.88 23.31 -17.57
CA VAL A 275 14.28 23.17 -17.98
C VAL A 275 15.16 22.39 -16.98
N ASN A 276 14.81 22.46 -15.69
CA ASN A 276 15.61 21.85 -14.62
C ASN A 276 15.81 20.33 -14.76
N ASN A 277 17.06 19.90 -14.56
CA ASN A 277 17.46 18.50 -14.75
C ASN A 277 17.14 18.00 -16.16
N THR A 278 17.26 18.89 -17.13
CA THR A 278 16.87 18.64 -18.52
C THR A 278 15.43 18.12 -18.58
N GLY A 279 14.59 18.64 -17.69
CA GLY A 279 13.19 18.28 -17.68
C GLY A 279 12.89 16.88 -17.22
N GLN A 280 13.87 16.15 -16.71
CA GLN A 280 13.52 14.83 -16.22
C GLN A 280 13.41 14.99 -14.72
N VAL A 281 12.15 15.12 -14.31
CA VAL A 281 11.72 15.21 -12.93
C VAL A 281 10.30 14.74 -13.07
N CYS A 282 9.74 14.07 -12.07
CA CYS A 282 8.37 13.60 -12.19
C CYS A 282 7.37 14.74 -11.96
N THR A 283 7.82 15.78 -11.24
CA THR A 283 6.99 16.91 -10.85
C THR A 283 7.06 18.11 -11.81
N ALA A 284 7.77 17.93 -12.92
CA ALA A 284 8.07 19.03 -13.85
C ALA A 284 6.84 19.76 -14.39
N GLY A 285 7.01 21.04 -14.69
CA GLY A 285 5.92 21.96 -14.98
C GLY A 285 5.49 21.95 -16.44
N THR A 286 5.71 20.83 -17.10
CA THR A 286 5.61 20.71 -18.56
C THR A 286 4.28 21.16 -19.20
N ARG A 287 3.21 21.25 -18.42
CA ARG A 287 1.97 21.85 -18.93
C ARG A 287 1.77 23.24 -18.33
N VAL A 288 1.87 24.27 -19.17
CA VAL A 288 1.71 25.64 -18.71
C VAL A 288 0.40 26.25 -19.21
N LEU A 289 -0.45 26.67 -18.26
CA LEU A 289 -1.75 27.26 -18.58
C LEU A 289 -1.71 28.78 -18.52
N VAL A 290 -2.01 29.42 -19.65
CA VAL A 290 -1.88 30.87 -19.79
C VAL A 290 -3.20 31.52 -20.21
N PRO A 291 -3.51 32.69 -19.64
CA PRO A 291 -4.70 33.44 -20.04
C PRO A 291 -4.57 34.07 -21.43
N ASN A 292 -5.67 34.08 -22.19
CA ASN A 292 -5.68 34.64 -23.53
C ASN A 292 -5.20 36.09 -23.62
N LYS A 293 -5.61 36.91 -22.65
CA LYS A 293 -5.29 38.33 -22.67
C LYS A 293 -3.78 38.59 -22.60
N ILE A 294 -3.07 37.84 -21.76
CA ILE A 294 -1.63 37.99 -21.63
C ILE A 294 -0.80 37.01 -22.47
N LYS A 295 -1.48 36.20 -23.28
CA LYS A 295 -0.84 35.14 -24.08
C LYS A 295 0.34 35.59 -24.93
N ASP A 296 0.14 36.59 -25.77
CA ASP A 296 1.18 37.07 -26.67
C ASP A 296 2.39 37.62 -25.93
N ALA A 297 2.12 38.43 -24.91
CA ALA A 297 3.18 39.04 -24.11
C ALA A 297 3.97 37.98 -23.37
N PHE A 298 3.26 36.99 -22.84
CA PHE A 298 3.89 35.91 -22.09
C PHE A 298 4.80 35.07 -22.98
N LEU A 299 4.29 34.70 -24.15
CA LEU A 299 5.05 33.91 -25.11
C LEU A 299 6.33 34.63 -25.55
N ALA A 300 6.24 35.95 -25.68
CA ALA A 300 7.39 36.74 -26.08
C ALA A 300 8.49 36.69 -25.02
N GLU A 301 8.09 36.85 -23.76
CA GLU A 301 9.04 36.81 -22.66
C GLU A 301 9.58 35.39 -22.49
N LEU A 302 8.71 34.42 -22.78
CA LEU A 302 9.06 33.01 -22.67
C LEU A 302 10.13 32.63 -23.68
N LYS A 303 9.97 33.10 -24.91
CA LYS A 303 10.94 32.85 -25.98
C LYS A 303 12.29 33.43 -25.57
N GLU A 304 12.27 34.65 -25.06
CA GLU A 304 13.46 35.32 -24.55
C GLU A 304 14.17 34.49 -23.49
N GLN A 305 13.42 34.06 -22.48
CA GLN A 305 13.98 33.29 -21.38
C GLN A 305 14.62 31.97 -21.82
N PHE A 306 13.98 31.30 -22.76
CA PHE A 306 14.50 30.03 -23.29
C PHE A 306 15.83 30.21 -24.02
N SER A 307 15.97 31.32 -24.73
CA SER A 307 17.17 31.58 -25.51
C SER A 307 18.38 31.76 -24.60
N GLN A 308 18.13 32.11 -23.34
CA GLN A 308 19.21 32.35 -22.39
C GLN A 308 19.52 31.12 -21.54
N VAL A 309 18.77 30.04 -21.75
CA VAL A 309 19.05 28.79 -21.07
C VAL A 309 20.36 28.21 -21.60
N ARG A 310 21.24 27.83 -20.68
CA ARG A 310 22.58 27.42 -21.06
C ARG A 310 22.67 25.90 -21.08
N VAL A 311 22.77 25.35 -22.29
CA VAL A 311 22.75 23.92 -22.50
C VAL A 311 24.09 23.49 -23.09
N GLY A 312 24.83 22.68 -22.34
CA GLY A 312 26.14 22.23 -22.78
C GLY A 312 26.84 21.31 -21.81
N ASN A 313 28.14 21.19 -21.97
CA ASN A 313 28.96 20.34 -21.10
C ASN A 313 28.83 20.73 -19.62
N PRO A 314 28.53 19.74 -18.77
CA PRO A 314 28.27 19.92 -17.34
C PRO A 314 29.52 20.36 -16.57
N ARG A 315 30.69 19.98 -17.07
CA ARG A 315 31.94 20.28 -16.38
C ARG A 315 32.41 21.70 -16.71
N GLU A 316 31.81 22.27 -17.76
CA GLU A 316 32.12 23.64 -18.17
C GLU A 316 31.38 24.64 -17.30
N ASP A 317 32.07 25.70 -16.89
CA ASP A 317 31.48 26.72 -16.04
C ASP A 317 30.24 27.36 -16.69
N GLY A 318 29.20 27.53 -15.87
CA GLY A 318 28.02 28.25 -16.32
C GLY A 318 26.89 27.39 -16.85
N THR A 319 27.13 26.09 -17.03
CA THR A 319 26.10 25.24 -17.63
C THR A 319 24.94 25.05 -16.69
N GLN A 320 23.76 25.47 -17.14
CA GLN A 320 22.51 25.26 -16.40
C GLN A 320 21.90 23.88 -16.64
N VAL A 321 21.91 23.45 -17.89
CA VAL A 321 21.25 22.22 -18.30
C VAL A 321 22.20 21.26 -19.00
N GLY A 322 22.30 20.04 -18.47
CA GLY A 322 23.12 19.02 -19.07
C GLY A 322 22.36 18.22 -20.10
N PRO A 323 22.91 17.07 -20.49
CA PRO A 323 22.31 16.21 -21.51
C PRO A 323 21.12 15.39 -20.99
N ILE A 324 20.47 14.63 -21.88
CA ILE A 324 19.51 13.62 -21.48
C ILE A 324 20.31 12.41 -21.02
N ILE A 325 19.75 11.63 -20.10
CA ILE A 325 20.47 10.52 -19.47
C ILE A 325 21.04 9.47 -20.44
N SER A 326 20.28 9.11 -21.47
CA SER A 326 20.65 7.97 -22.31
C SER A 326 20.12 8.07 -23.73
N LYS A 327 20.69 7.26 -24.62
CA LYS A 327 20.25 7.19 -26.01
C LYS A 327 18.77 6.84 -26.10
N LYS A 328 18.36 5.81 -25.37
CA LYS A 328 16.96 5.38 -25.35
C LYS A 328 16.06 6.50 -24.88
N GLN A 329 16.47 7.17 -23.80
CA GLN A 329 15.68 8.25 -23.23
C GLN A 329 15.68 9.46 -24.15
N PHE A 330 16.84 9.75 -24.75
CA PHE A 330 16.96 10.83 -25.72
C PHE A 330 16.03 10.57 -26.90
N ASP A 331 15.96 9.32 -27.33
CA ASP A 331 15.09 8.96 -28.44
C ASP A 331 13.62 9.17 -28.11
N GLN A 332 13.23 8.81 -26.89
CA GLN A 332 11.86 9.00 -26.45
C GLN A 332 11.48 10.48 -26.46
N VAL A 333 12.40 11.33 -26.01
CA VAL A 333 12.17 12.77 -26.02
C VAL A 333 11.98 13.29 -27.45
N GLN A 334 12.83 12.82 -28.36
CA GLN A 334 12.73 13.19 -29.78
C GLN A 334 11.39 12.75 -30.36
N ASN A 335 11.00 11.50 -30.08
CA ASN A 335 9.75 10.95 -30.59
C ASN A 335 8.53 11.73 -30.13
N TYR A 336 8.52 12.15 -28.87
CA TYR A 336 7.43 12.94 -28.32
C TYR A 336 7.35 14.30 -28.98
N ILE A 337 8.50 14.92 -29.19
CA ILE A 337 8.58 16.18 -29.92
C ILE A 337 8.04 16.01 -31.34
N ASN A 338 8.50 14.98 -32.04
CA ASN A 338 8.01 14.68 -33.38
C ASN A 338 6.52 14.41 -33.38
N LYS A 339 6.04 13.73 -32.35
CA LYS A 339 4.62 13.40 -32.24
C LYS A 339 3.75 14.65 -32.09
N GLY A 340 4.22 15.61 -31.31
CA GLY A 340 3.49 16.85 -31.13
C GLY A 340 3.37 17.62 -32.43
N ILE A 341 4.42 17.55 -33.24
CA ILE A 341 4.43 18.19 -34.54
C ILE A 341 3.44 17.49 -35.48
N GLU A 342 3.40 16.16 -35.39
CA GLU A 342 2.46 15.36 -36.18
C GLU A 342 1.01 15.65 -35.78
N GLU A 343 0.82 16.04 -34.52
CA GLU A 343 -0.50 16.30 -33.99
C GLU A 343 -1.05 17.66 -34.42
N GLY A 344 -0.15 18.54 -34.87
CA GLY A 344 -0.54 19.88 -35.26
C GLY A 344 -0.35 20.88 -34.15
N ALA A 345 0.43 20.51 -33.13
CA ALA A 345 0.82 21.46 -32.11
C ALA A 345 1.86 22.39 -32.74
N GLU A 346 1.61 23.69 -32.66
CA GLU A 346 2.54 24.66 -33.25
C GLU A 346 3.82 24.70 -32.44
N LEU A 347 4.96 24.50 -33.10
CA LEU A 347 6.23 24.56 -32.42
C LEU A 347 6.64 26.01 -32.29
N PHE A 348 6.74 26.49 -31.05
CA PHE A 348 7.15 27.86 -30.79
C PHE A 348 8.67 28.08 -30.77
N TYR A 349 9.38 27.15 -30.13
CA TYR A 349 10.81 27.32 -29.90
C TYR A 349 11.50 25.97 -29.80
N GLY A 350 12.76 25.90 -30.20
CA GLY A 350 13.52 24.67 -30.12
C GLY A 350 13.00 23.60 -31.07
N GLY A 351 12.65 22.45 -30.51
CA GLY A 351 12.25 21.30 -31.31
C GLY A 351 13.31 20.22 -31.40
N PRO A 352 13.10 19.25 -32.29
CA PRO A 352 13.92 18.04 -32.35
C PRO A 352 15.34 18.34 -32.81
N GLY A 353 16.25 17.40 -32.59
CA GLY A 353 17.63 17.56 -32.99
C GLY A 353 18.49 17.99 -31.83
N LYS A 354 19.76 18.27 -32.10
CA LYS A 354 20.69 18.70 -31.07
C LYS A 354 21.13 20.14 -31.34
N PRO A 355 21.48 20.88 -30.27
CA PRO A 355 21.99 22.23 -30.44
C PRO A 355 23.31 22.22 -31.21
N GLU A 356 23.59 23.28 -31.96
CA GLU A 356 24.83 23.38 -32.71
C GLU A 356 26.04 23.25 -31.79
N GLY A 357 26.99 22.40 -32.18
CA GLY A 357 28.18 22.17 -31.38
C GLY A 357 27.98 21.09 -30.33
N LEU A 358 26.73 20.76 -30.05
CA LEU A 358 26.39 19.75 -29.05
C LEU A 358 26.16 18.34 -29.63
N GLU A 359 26.44 18.18 -30.92
CA GLU A 359 26.16 16.92 -31.62
C GLU A 359 26.71 15.67 -30.94
N LYS A 360 27.77 15.81 -30.17
CA LYS A 360 28.26 14.70 -29.35
C LYS A 360 27.64 14.71 -27.95
N GLY A 361 27.11 13.58 -27.54
CA GLY A 361 26.35 13.48 -26.29
C GLY A 361 24.88 13.64 -26.59
N TYR A 362 24.01 13.23 -25.67
CA TYR A 362 22.60 13.33 -25.98
C TYR A 362 22.09 14.65 -25.44
N PHE A 363 21.82 15.58 -26.33
CA PHE A 363 21.38 16.89 -25.87
C PHE A 363 20.07 17.25 -26.53
N ALA A 364 19.02 17.30 -25.71
CA ALA A 364 17.73 17.74 -26.18
C ALA A 364 17.75 19.25 -26.20
N ARG A 365 16.95 19.84 -27.08
CA ARG A 365 16.81 21.29 -27.11
C ARG A 365 15.58 21.66 -26.30
N PRO A 366 15.72 22.62 -25.38
CA PRO A 366 14.54 23.14 -24.69
C PRO A 366 13.52 23.58 -25.72
N THR A 367 12.28 23.14 -25.54
CA THR A 367 11.28 23.25 -26.59
C THR A 367 9.92 23.71 -26.07
N ILE A 368 9.30 24.64 -26.78
CA ILE A 368 7.98 25.14 -26.41
C ILE A 368 6.98 24.89 -27.53
N PHE A 369 5.90 24.19 -27.19
CA PHE A 369 4.77 24.06 -28.09
C PHE A 369 3.66 25.01 -27.64
N ILE A 370 3.07 25.74 -28.57
CA ILE A 370 1.93 26.59 -28.22
C ILE A 370 0.65 26.10 -28.90
N ASN A 371 -0.45 26.79 -28.60
CA ASN A 371 -1.77 26.42 -29.10
C ASN A 371 -2.07 24.92 -28.96
N VAL A 372 -1.68 24.35 -27.83
CA VAL A 372 -1.85 22.94 -27.56
C VAL A 372 -3.25 22.66 -27.04
N ASP A 373 -3.90 21.66 -27.62
CA ASP A 373 -5.16 21.17 -27.08
C ASP A 373 -4.86 20.09 -26.05
N ASN A 374 -5.53 20.14 -24.91
CA ASN A 374 -5.21 19.29 -23.77
C ASN A 374 -5.34 17.79 -24.06
N GLN A 375 -6.04 17.45 -25.13
CA GLN A 375 -6.23 16.04 -25.49
C GLN A 375 -5.07 15.50 -26.31
N MSE A 376 -4.16 16.39 -26.71
CA MSE A 376 -2.99 15.99 -27.49
C MSE A 376 -2.02 15.13 -26.68
O MSE A 376 -1.97 15.21 -25.45
CB MSE A 376 -2.24 17.22 -28.02
CG MSE A 376 -2.90 17.87 -29.23
SE MSE A 376 -1.99 19.52 -29.70
CE MSE A 376 -2.94 19.94 -31.36
N THR A 377 -1.24 14.31 -27.39
CA THR A 377 -0.29 13.40 -26.77
C THR A 377 0.75 14.11 -25.91
N ILE A 378 1.26 15.24 -26.40
CA ILE A 378 2.24 15.99 -25.64
C ILE A 378 1.63 16.67 -24.42
N ALA A 379 0.30 16.85 -24.44
CA ALA A 379 -0.42 17.34 -23.28
C ALA A 379 -0.68 16.22 -22.27
N GLN A 380 -1.09 15.06 -22.77
CA GLN A 380 -1.52 13.96 -21.91
C GLN A 380 -0.40 13.11 -21.29
N GLU A 381 0.68 12.92 -22.03
CA GLU A 381 1.70 11.95 -21.62
C GLU A 381 3.00 12.60 -21.14
N GLU A 382 3.67 11.93 -20.20
CA GLU A 382 4.91 12.45 -19.65
C GLU A 382 6.07 12.25 -20.62
N ILE A 383 6.69 13.37 -21.00
CA ILE A 383 7.81 13.35 -21.93
C ILE A 383 9.16 13.03 -21.26
N PHE A 384 9.38 13.61 -20.08
CA PHE A 384 10.65 13.50 -19.36
C PHE A 384 11.82 14.15 -20.12
N GLY A 385 11.55 15.35 -20.65
CA GLY A 385 12.58 16.15 -21.31
C GLY A 385 12.18 17.61 -21.18
N PRO A 386 13.07 18.53 -21.60
CA PRO A 386 12.81 19.97 -21.42
C PRO A 386 11.78 20.49 -22.42
N VAL A 387 10.62 19.86 -22.45
CA VAL A 387 9.57 20.24 -23.40
C VAL A 387 8.35 20.84 -22.70
N MSE A 388 8.08 22.10 -23.00
CA MSE A 388 6.94 22.80 -22.42
C MSE A 388 5.76 22.87 -23.40
O MSE A 388 5.93 23.23 -24.55
CB MSE A 388 7.34 24.23 -22.00
CG MSE A 388 6.18 25.08 -21.49
SE MSE A 388 6.63 26.96 -21.24
CE MSE A 388 7.96 26.79 -19.84
N SER A 389 4.57 22.52 -22.91
CA SER A 389 3.36 22.64 -23.71
C SER A 389 2.49 23.77 -23.17
N VAL A 390 2.34 24.83 -23.95
CA VAL A 390 1.56 25.98 -23.52
C VAL A 390 0.11 25.87 -23.97
N ILE A 391 -0.81 25.89 -23.01
CA ILE A 391 -2.23 25.79 -23.29
C ILE A 391 -2.96 27.03 -22.81
N THR A 392 -3.68 27.67 -23.72
CA THR A 392 -4.40 28.90 -23.43
C THR A 392 -5.73 28.63 -22.71
N TYR A 393 -6.15 29.55 -21.85
CA TYR A 393 -7.46 29.45 -21.20
C TYR A 393 -8.16 30.81 -21.08
N ASN A 394 -9.46 30.82 -21.34
CA ASN A 394 -10.26 32.04 -21.22
C ASN A 394 -10.73 32.39 -19.80
N ASP A 395 -11.15 31.39 -19.03
CA ASP A 395 -11.58 31.64 -17.65
C ASP A 395 -10.92 30.66 -16.68
N LEU A 396 -10.91 31.02 -15.40
CA LEU A 396 -10.16 30.27 -14.41
C LEU A 396 -10.68 28.86 -14.17
N ASP A 397 -12.01 28.71 -14.14
CA ASP A 397 -12.62 27.40 -13.96
C ASP A 397 -12.26 26.46 -15.10
N GLU A 398 -12.02 27.02 -16.27
CA GLU A 398 -11.57 26.25 -17.42
C GLU A 398 -10.15 25.76 -17.19
N ALA A 399 -9.29 26.66 -16.70
CA ALA A 399 -7.90 26.33 -16.41
C ALA A 399 -7.80 25.21 -15.39
N ILE A 400 -8.63 25.31 -14.36
CA ILE A 400 -8.71 24.28 -13.32
C ILE A 400 -9.14 22.95 -13.90
N GLN A 401 -10.18 22.99 -14.75
CA GLN A 401 -10.69 21.80 -15.42
C GLN A 401 -9.62 21.14 -16.28
N ILE A 402 -8.82 21.96 -16.96
CA ILE A 402 -7.73 21.45 -17.78
C ILE A 402 -6.65 20.85 -16.90
N ALA A 403 -6.23 21.62 -15.90
CA ALA A 403 -5.19 21.20 -14.98
C ALA A 403 -5.55 19.89 -14.29
N ASN A 404 -6.84 19.69 -14.08
CA ASN A 404 -7.33 18.49 -13.42
C ASN A 404 -7.66 17.34 -14.36
N ASP A 405 -7.56 17.57 -15.67
CA ASP A 405 -7.79 16.45 -16.56
C ASP A 405 -6.41 15.97 -16.97
N THR A 406 -6.00 14.88 -16.33
CA THR A 406 -4.72 14.23 -16.54
C THR A 406 -4.84 12.84 -15.92
N LYS A 407 -3.96 11.92 -16.29
CA LYS A 407 -3.91 10.64 -15.59
C LYS A 407 -3.10 10.74 -14.29
N TYR A 408 -2.28 11.79 -14.19
CA TYR A 408 -1.36 11.95 -13.06
C TYR A 408 -1.86 12.91 -12.00
N GLY A 409 -1.68 12.54 -10.73
CA GLY A 409 -2.04 13.38 -9.62
C GLY A 409 -0.87 13.98 -8.84
N LEU A 410 0.32 13.98 -9.43
CA LEU A 410 1.54 14.22 -8.66
C LEU A 410 1.76 15.65 -8.12
N ALA A 411 1.72 16.65 -9.00
CA ALA A 411 2.07 17.99 -8.56
C ALA A 411 1.37 19.10 -9.37
N GLY A 412 1.36 20.30 -8.81
CA GLY A 412 0.76 21.43 -9.47
C GLY A 412 1.43 22.73 -9.03
N TYR A 413 1.26 23.78 -9.84
CA TYR A 413 1.88 25.07 -9.56
C TYR A 413 0.97 26.20 -9.99
N VAL A 414 1.03 27.31 -9.25
CA VAL A 414 0.32 28.50 -9.65
C VAL A 414 1.15 29.74 -9.32
N ILE A 415 1.10 30.73 -10.20
CA ILE A 415 1.84 31.97 -9.99
C ILE A 415 0.94 33.17 -10.32
N GLY A 416 0.97 34.19 -9.46
CA GLY A 416 0.12 35.35 -9.65
C GLY A 416 0.10 36.26 -8.43
N LYS A 417 -0.75 37.29 -8.47
CA LYS A 417 -0.80 38.30 -7.42
C LYS A 417 -1.92 38.03 -6.40
N ASP A 418 -3.16 38.10 -6.86
CA ASP A 418 -4.33 38.05 -5.98
C ASP A 418 -4.38 36.77 -5.14
N LYS A 419 -4.49 36.96 -3.84
CA LYS A 419 -4.35 35.88 -2.85
C LYS A 419 -5.46 34.83 -2.94
N GLU A 420 -6.71 35.28 -2.89
CA GLU A 420 -7.85 34.38 -2.89
C GLU A 420 -7.92 33.57 -4.19
N THR A 421 -7.51 34.20 -5.29
CA THR A 421 -7.45 33.53 -6.57
C THR A 421 -6.39 32.42 -6.52
N LEU A 422 -5.21 32.77 -6.01
CA LEU A 422 -4.12 31.81 -5.84
C LEU A 422 -4.56 30.65 -4.95
N HIS A 423 -5.28 30.98 -3.89
CA HIS A 423 -5.74 29.96 -2.96
C HIS A 423 -6.86 29.10 -3.55
N LYS A 424 -7.76 29.71 -4.30
CA LYS A 424 -8.80 28.94 -4.99
C LYS A 424 -8.19 27.95 -5.96
N VAL A 425 -7.20 28.41 -6.74
CA VAL A 425 -6.52 27.55 -7.69
C VAL A 425 -5.78 26.42 -6.99
N ALA A 426 -4.97 26.77 -6.00
CA ALA A 426 -4.19 25.78 -5.26
C ALA A 426 -5.07 24.71 -4.62
N ARG A 427 -6.16 25.12 -4.01
CA ARG A 427 -7.07 24.16 -3.38
C ARG A 427 -7.84 23.34 -4.40
N SER A 428 -8.05 23.90 -5.59
CA SER A 428 -8.82 23.21 -6.63
C SER A 428 -8.01 22.16 -7.41
N ILE A 429 -6.72 22.42 -7.61
CA ILE A 429 -5.87 21.46 -8.30
C ILE A 429 -5.77 20.19 -7.46
N GLU A 430 -6.03 19.04 -8.06
CA GLU A 430 -5.89 17.81 -7.29
C GLU A 430 -4.50 17.26 -7.52
N ALA A 431 -3.67 17.39 -6.49
CA ALA A 431 -2.32 16.87 -6.50
C ALA A 431 -1.83 16.72 -5.07
N GLY A 432 -0.80 15.89 -4.86
CA GLY A 432 -0.22 15.74 -3.55
C GLY A 432 0.53 16.98 -3.12
N THR A 433 1.10 17.68 -4.09
CA THR A 433 1.87 18.89 -3.84
C THR A 433 1.48 20.02 -4.78
N VAL A 434 1.12 21.16 -4.21
CA VAL A 434 0.90 22.36 -5.01
C VAL A 434 1.79 23.48 -4.48
N GLU A 435 2.44 24.19 -5.40
CA GLU A 435 3.35 25.26 -5.02
C GLU A 435 2.83 26.60 -5.51
N ILE A 436 2.83 27.60 -4.63
CA ILE A 436 2.37 28.94 -4.96
C ILE A 436 3.55 29.90 -5.06
N ASN A 437 3.65 30.60 -6.19
CA ASN A 437 4.65 31.66 -6.37
C ASN A 437 6.07 31.21 -6.05
N GLU A 438 6.44 30.03 -6.53
CA GLU A 438 7.79 29.50 -6.37
C GLU A 438 8.26 29.46 -4.92
N ALA A 439 7.35 29.15 -4.00
CA ALA A 439 7.72 28.97 -2.60
C ALA A 439 8.79 27.90 -2.49
N GLY A 440 9.89 28.24 -1.81
CA GLY A 440 11.08 27.42 -1.77
C GLY A 440 10.87 25.94 -1.52
N GLY A 463 9.39 8.77 6.46
CA GLY A 463 9.79 7.76 5.49
C GLY A 463 10.19 6.46 6.15
N ILE A 464 10.44 6.53 7.45
CA ILE A 464 10.84 5.36 8.24
C ILE A 464 9.63 4.46 8.53
N GLU A 465 8.45 5.07 8.65
CA GLU A 465 7.20 4.34 8.85
C GLU A 465 7.04 3.25 7.80
N GLU A 466 7.48 3.56 6.59
CA GLU A 466 7.41 2.67 5.44
C GLU A 466 8.08 1.32 5.72
N PHE A 467 9.17 1.35 6.48
CA PHE A 467 9.90 0.13 6.80
C PHE A 467 9.53 -0.49 8.15
N LEU A 468 8.52 0.06 8.80
CA LEU A 468 8.11 -0.41 10.12
C LEU A 468 6.76 -1.12 10.11
N GLU A 469 6.60 -2.07 11.02
CA GLU A 469 5.30 -2.71 11.24
C GLU A 469 4.87 -2.53 12.69
N VAL A 470 3.58 -2.34 12.90
CA VAL A 470 3.05 -2.15 14.26
C VAL A 470 2.50 -3.45 14.84
N LYS A 471 2.92 -3.77 16.06
CA LYS A 471 2.39 -4.93 16.76
C LYS A 471 1.82 -4.47 18.09
N SER A 472 0.59 -4.89 18.38
CA SER A 472 0.00 -4.62 19.68
C SER A 472 0.00 -5.89 20.52
N ILE A 473 0.58 -5.83 21.70
CA ILE A 473 0.59 -6.98 22.60
C ILE A 473 -0.42 -6.74 23.71
N ALA A 474 -1.50 -7.51 23.69
CA ALA A 474 -2.57 -7.32 24.65
C ALA A 474 -2.30 -8.00 25.99
N GLY A 475 -2.44 -7.25 27.06
CA GLY A 475 -2.27 -7.76 28.41
C GLY A 475 -0.82 -7.89 28.81
N TYR A 476 0.05 -7.13 28.14
CA TYR A 476 1.47 -7.16 28.42
C TYR A 476 1.75 -6.83 29.89
N PHE A 477 1.18 -5.73 30.37
CA PHE A 477 1.51 -5.21 31.69
C PHE A 477 0.81 -5.92 32.86
N LYS A 478 -0.46 -6.27 32.70
CA LYS A 478 -1.17 -6.99 33.76
C LYS A 478 -0.64 -8.40 33.93
N ALA B 3 -39.83 -15.06 6.14
CA ALA B 3 -40.21 -15.16 4.74
C ALA B 3 -39.04 -14.90 3.80
N MSE B 4 -39.22 -15.25 2.54
N MSE B 4 -39.20 -15.29 2.54
CA MSE B 4 -38.22 -15.06 1.50
CA MSE B 4 -38.13 -15.07 1.56
C MSE B 4 -37.93 -13.56 1.31
C MSE B 4 -37.92 -13.60 1.29
O MSE B 4 -38.85 -12.77 1.07
O MSE B 4 -38.86 -12.85 1.00
CB MSE B 4 -38.72 -15.67 0.20
CB MSE B 4 -38.43 -15.81 0.25
CG MSE B 4 -37.67 -15.87 -0.88
CG MSE B 4 -37.51 -17.00 0.00
SE MSE B 4 -36.52 -17.42 -0.58
SE MSE B 4 -37.44 -17.53 -1.88
CE MSE B 4 -37.60 -18.43 0.70
CE MSE B 4 -36.36 -16.08 -2.59
N ARG B 5 -36.66 -13.19 1.40
CA ARG B 5 -36.28 -11.80 1.20
C ARG B 5 -35.99 -11.55 -0.28
N ASP B 6 -36.67 -10.58 -0.89
CA ASP B 6 -36.29 -10.24 -2.24
C ASP B 6 -35.46 -8.97 -2.15
N TYR B 7 -34.14 -9.18 -2.26
CA TYR B 7 -33.12 -8.14 -2.24
C TYR B 7 -32.58 -7.73 -3.60
N THR B 8 -33.19 -8.26 -4.65
CA THR B 8 -32.68 -8.13 -6.01
C THR B 8 -32.44 -6.70 -6.48
N LYS B 9 -33.02 -5.73 -5.78
CA LYS B 9 -32.72 -4.33 -6.09
C LYS B 9 -31.38 -3.86 -5.54
N GLN B 10 -30.63 -3.16 -6.38
CA GLN B 10 -29.42 -2.47 -5.95
C GLN B 10 -29.75 -1.13 -5.30
N TYR B 11 -28.86 -0.63 -4.43
CA TYR B 11 -29.02 0.72 -3.95
C TYR B 11 -27.99 1.62 -4.61
N ILE B 12 -28.46 2.47 -5.52
CA ILE B 12 -27.57 3.27 -6.35
C ILE B 12 -28.13 4.68 -6.55
N ASN B 13 -27.29 5.67 -6.36
CA ASN B 13 -27.66 7.07 -6.54
C ASN B 13 -28.84 7.49 -5.68
N GLY B 14 -28.89 6.95 -4.45
CA GLY B 14 -29.84 7.40 -3.44
C GLY B 14 -31.22 6.76 -3.51
N GLU B 15 -31.33 5.65 -4.24
N GLU B 15 -31.33 5.66 -4.26
CA GLU B 15 -32.60 4.96 -4.41
CA GLU B 15 -32.60 4.96 -4.41
C GLU B 15 -32.39 3.47 -4.62
C GLU B 15 -32.38 3.46 -4.60
N TRP B 16 -33.40 2.67 -4.27
CA TRP B 16 -33.37 1.24 -4.57
C TRP B 16 -33.77 1.09 -6.03
N VAL B 17 -32.88 0.53 -6.84
CA VAL B 17 -33.11 0.47 -8.28
C VAL B 17 -32.97 -0.96 -8.80
N GLU B 18 -33.71 -1.25 -9.85
CA GLU B 18 -33.58 -2.53 -10.52
C GLU B 18 -32.19 -2.63 -11.12
N SER B 19 -31.55 -3.78 -10.96
CA SER B 19 -30.25 -4.00 -11.56
C SER B 19 -30.37 -3.96 -13.08
N ASN B 20 -29.26 -3.61 -13.74
CA ASN B 20 -29.24 -3.64 -15.19
C ASN B 20 -29.24 -5.09 -15.67
N SER B 21 -28.80 -5.99 -14.80
CA SER B 21 -28.81 -7.41 -15.08
C SER B 21 -30.21 -8.01 -14.96
N ASN B 22 -30.47 -9.06 -15.73
CA ASN B 22 -31.74 -9.78 -15.67
C ASN B 22 -31.67 -11.00 -14.75
N GLU B 23 -30.52 -11.19 -14.11
CA GLU B 23 -30.26 -12.41 -13.36
C GLU B 23 -30.08 -12.15 -11.87
N THR B 24 -30.29 -13.20 -11.08
CA THR B 24 -30.22 -13.08 -9.62
C THR B 24 -29.36 -14.17 -9.00
N ILE B 25 -29.03 -13.97 -7.72
CA ILE B 25 -28.27 -14.95 -6.95
C ILE B 25 -29.05 -15.35 -5.71
N GLU B 26 -29.22 -16.65 -5.51
CA GLU B 26 -29.93 -17.16 -4.35
C GLU B 26 -29.05 -17.13 -3.10
N VAL B 27 -29.64 -16.73 -1.97
CA VAL B 27 -28.94 -16.74 -0.69
C VAL B 27 -29.43 -17.92 0.14
N ILE B 28 -28.49 -18.69 0.67
CA ILE B 28 -28.82 -19.93 1.37
C ILE B 28 -28.58 -19.82 2.89
N ASN B 29 -29.48 -20.38 3.68
CA ASN B 29 -29.25 -20.53 5.11
C ASN B 29 -28.30 -21.70 5.35
N PRO B 30 -27.11 -21.42 5.90
CA PRO B 30 -26.07 -22.44 6.13
C PRO B 30 -26.54 -23.54 7.07
N ALA B 31 -27.44 -23.21 7.99
CA ALA B 31 -27.94 -24.19 8.94
C ALA B 31 -29.00 -25.13 8.35
N THR B 32 -29.95 -24.56 7.61
CA THR B 32 -31.01 -25.36 6.99
C THR B 32 -30.81 -25.81 5.53
N GLU B 33 -29.79 -25.28 4.86
CA GLU B 33 -29.55 -25.54 3.44
C GLU B 33 -30.61 -24.98 2.47
N GLU B 34 -31.69 -24.42 3.01
CA GLU B 34 -32.72 -23.79 2.19
C GLU B 34 -32.31 -22.41 1.72
N VAL B 35 -32.86 -21.96 0.60
CA VAL B 35 -32.61 -20.60 0.13
C VAL B 35 -33.56 -19.64 0.85
N ILE B 36 -32.99 -18.64 1.52
CA ILE B 36 -33.77 -17.68 2.29
C ILE B 36 -34.07 -16.37 1.58
N GLY B 37 -33.53 -16.20 0.37
CA GLY B 37 -33.72 -14.96 -0.35
C GLY B 37 -32.90 -14.84 -1.63
N LYS B 38 -33.00 -13.69 -2.27
CA LYS B 38 -32.29 -13.44 -3.52
C LYS B 38 -31.75 -12.02 -3.58
N VAL B 39 -30.59 -11.87 -4.24
CA VAL B 39 -30.07 -10.55 -4.56
C VAL B 39 -29.77 -10.52 -6.05
N ALA B 40 -29.56 -9.33 -6.59
CA ALA B 40 -29.21 -9.20 -8.00
C ALA B 40 -27.88 -9.88 -8.27
N LYS B 41 -27.72 -10.38 -9.48
CA LYS B 41 -26.41 -10.80 -9.93
C LYS B 41 -25.99 -9.62 -10.77
N GLY B 42 -25.09 -8.80 -10.24
CA GLY B 42 -24.86 -7.49 -10.81
C GLY B 42 -23.84 -7.52 -11.93
N ASN B 43 -23.83 -6.48 -12.74
CA ASN B 43 -22.90 -6.42 -13.85
C ASN B 43 -22.11 -5.12 -13.90
N LYS B 44 -21.29 -4.98 -14.94
CA LYS B 44 -20.45 -3.81 -15.14
C LYS B 44 -21.28 -2.54 -15.20
N ALA B 45 -22.48 -2.66 -15.76
CA ALA B 45 -23.39 -1.53 -15.89
C ALA B 45 -23.83 -0.98 -14.53
N ASP B 46 -24.18 -1.88 -13.62
CA ASP B 46 -24.53 -1.48 -12.26
C ASP B 46 -23.35 -0.76 -11.61
N VAL B 47 -22.16 -1.33 -11.76
CA VAL B 47 -20.94 -0.75 -11.21
C VAL B 47 -20.69 0.66 -11.75
N ASP B 48 -20.78 0.80 -13.07
CA ASP B 48 -20.54 2.08 -13.72
C ASP B 48 -21.53 3.14 -13.27
N LYS B 49 -22.79 2.77 -13.12
CA LYS B 49 -23.81 3.69 -12.63
C LYS B 49 -23.49 4.13 -11.20
N ALA B 50 -23.13 3.17 -10.37
CA ALA B 50 -22.78 3.45 -8.98
C ALA B 50 -21.53 4.31 -8.87
N VAL B 51 -20.51 3.96 -9.63
CA VAL B 51 -19.25 4.71 -9.59
C VAL B 51 -19.44 6.13 -10.11
N GLU B 52 -20.25 6.28 -11.15
N GLU B 52 -20.25 6.28 -11.15
CA GLU B 52 -20.53 7.60 -11.70
CA GLU B 52 -20.51 7.62 -11.69
C GLU B 52 -21.33 8.44 -10.71
C GLU B 52 -21.32 8.44 -10.69
N ALA B 53 -22.29 7.80 -10.04
CA ALA B 53 -23.11 8.49 -9.04
C ALA B 53 -22.25 8.98 -7.89
N ALA B 54 -21.26 8.16 -7.51
CA ALA B 54 -20.32 8.53 -6.47
C ALA B 54 -19.38 9.63 -6.95
N ASP B 55 -18.94 9.52 -8.21
CA ASP B 55 -18.02 10.48 -8.78
C ASP B 55 -18.63 11.87 -8.87
N ASP B 56 -19.93 11.93 -9.14
CA ASP B 56 -20.61 13.21 -9.26
C ASP B 56 -20.65 13.95 -7.93
N VAL B 57 -20.78 13.20 -6.84
CA VAL B 57 -20.91 13.79 -5.51
C VAL B 57 -19.63 13.89 -4.68
N TYR B 58 -18.50 13.36 -5.18
CA TYR B 58 -17.33 13.16 -4.32
C TYR B 58 -16.66 14.46 -3.87
N LEU B 59 -16.69 15.48 -4.73
CA LEU B 59 -16.07 16.75 -4.42
C LEU B 59 -16.87 17.46 -3.32
N GLU B 60 -18.19 17.42 -3.43
CA GLU B 60 -19.06 18.05 -2.45
C GLU B 60 -18.95 17.37 -1.09
N PHE B 61 -18.86 16.05 -1.10
CA PHE B 61 -18.79 15.28 0.14
C PHE B 61 -17.41 15.44 0.79
N ARG B 62 -16.38 15.60 -0.03
CA ARG B 62 -15.04 15.87 0.47
C ARG B 62 -15.01 17.18 1.26
N HIS B 63 -15.66 18.19 0.72
CA HIS B 63 -15.61 19.54 1.29
C HIS B 63 -16.77 19.88 2.23
N THR B 64 -17.64 18.90 2.50
CA THR B 64 -18.68 19.08 3.49
C THR B 64 -18.03 19.20 4.88
N SER B 65 -18.73 19.83 5.83
CA SER B 65 -18.13 20.15 7.12
C SER B 65 -18.06 18.95 8.08
N VAL B 66 -17.12 19.00 9.01
CA VAL B 66 -16.94 17.93 9.99
C VAL B 66 -18.20 17.67 10.84
N LYS B 67 -18.83 18.72 11.32
CA LYS B 67 -20.04 18.56 12.12
C LYS B 67 -21.20 18.01 11.29
N GLU B 68 -21.14 18.23 9.98
CA GLU B 68 -22.15 17.69 9.07
C GLU B 68 -22.01 16.16 8.97
N ARG B 69 -20.78 15.68 8.77
CA ARG B 69 -20.52 14.26 8.67
C ARG B 69 -20.71 13.55 10.01
N GLN B 70 -20.38 14.25 11.08
CA GLN B 70 -20.50 13.68 12.42
C GLN B 70 -21.97 13.47 12.77
N ALA B 71 -22.79 14.47 12.44
CA ALA B 71 -24.23 14.38 12.69
C ALA B 71 -24.86 13.27 11.85
N LEU B 72 -24.33 13.08 10.64
CA LEU B 72 -24.79 11.99 9.78
C LEU B 72 -24.52 10.65 10.45
N LEU B 73 -23.29 10.48 10.92
CA LEU B 73 -22.91 9.26 11.63
C LEU B 73 -23.77 9.08 12.88
N ASP B 74 -24.09 10.17 13.55
CA ASP B 74 -24.94 10.12 14.74
C ASP B 74 -26.34 9.62 14.42
N LYS B 75 -26.89 10.08 13.30
CA LYS B 75 -28.17 9.60 12.80
C LYS B 75 -28.07 8.09 12.53
N ILE B 76 -26.95 7.69 11.95
CA ILE B 76 -26.72 6.28 11.63
C ILE B 76 -26.65 5.43 12.89
N VAL B 77 -25.90 5.91 13.88
CA VAL B 77 -25.80 5.24 15.17
C VAL B 77 -27.18 4.99 15.77
N LYS B 78 -28.04 6.01 15.72
CA LYS B 78 -29.38 5.91 16.28
C LYS B 78 -30.24 4.89 15.52
N GLU B 79 -30.26 5.01 14.21
CA GLU B 79 -31.08 4.13 13.38
C GLU B 79 -30.57 2.69 13.41
N TYR B 80 -29.25 2.54 13.49
CA TYR B 80 -28.63 1.22 13.59
C TYR B 80 -29.15 0.51 14.83
N GLU B 81 -29.32 1.26 15.91
CA GLU B 81 -29.86 0.71 17.15
C GLU B 81 -31.34 0.31 16.99
N ASN B 82 -32.09 1.07 16.19
CA ASN B 82 -33.48 0.75 15.93
C ASN B 82 -33.64 -0.58 15.22
N ARG B 83 -32.65 -0.92 14.41
CA ARG B 83 -32.69 -2.10 13.54
C ARG B 83 -32.08 -3.34 14.18
N LYS B 84 -31.74 -3.22 15.46
CA LYS B 84 -31.00 -4.27 16.18
C LYS B 84 -31.53 -5.69 15.99
N ASP B 85 -32.84 -5.89 16.13
CA ASP B 85 -33.38 -7.23 15.97
C ASP B 85 -33.27 -7.74 14.54
N ASP B 86 -33.57 -6.89 13.58
CA ASP B 86 -33.47 -7.25 12.16
C ASP B 86 -32.05 -7.69 11.81
N ILE B 87 -31.06 -6.92 12.29
CA ILE B 87 -29.67 -7.24 12.06
C ILE B 87 -29.29 -8.59 12.66
N VAL B 88 -29.75 -8.84 13.89
CA VAL B 88 -29.43 -10.08 14.58
C VAL B 88 -30.01 -11.29 13.87
N GLN B 89 -31.27 -11.19 13.46
CA GLN B 89 -31.94 -12.28 12.74
C GLN B 89 -31.25 -12.52 11.40
N ALA B 90 -30.94 -11.45 10.70
CA ALA B 90 -30.32 -11.54 9.39
C ALA B 90 -28.98 -12.26 9.47
N ILE B 91 -28.12 -11.81 10.39
CA ILE B 91 -26.81 -12.41 10.59
C ILE B 91 -26.93 -13.90 10.89
N THR B 92 -27.84 -14.23 11.80
CA THR B 92 -28.08 -15.62 12.15
C THR B 92 -28.52 -16.44 10.94
N ASP B 93 -29.46 -15.88 10.17
CA ASP B 93 -29.97 -16.56 8.99
C ASP B 93 -28.92 -16.80 7.92
N GLU B 94 -28.23 -15.73 7.51
CA GLU B 94 -27.29 -15.82 6.40
C GLU B 94 -25.95 -16.42 6.77
N LEU B 95 -25.42 -16.04 7.93
CA LEU B 95 -24.13 -16.56 8.38
C LEU B 95 -24.22 -17.93 9.05
N GLY B 96 -25.28 -18.13 9.85
CA GLY B 96 -25.41 -19.34 10.62
C GLY B 96 -24.81 -19.19 12.00
N ALA B 97 -24.53 -17.93 12.38
CA ALA B 97 -24.03 -17.64 13.71
C ALA B 97 -25.12 -17.86 14.74
N PRO B 98 -24.76 -18.36 15.92
CA PRO B 98 -25.73 -18.51 17.01
C PRO B 98 -26.36 -17.17 17.36
N LEU B 99 -27.62 -17.18 17.77
CA LEU B 99 -28.36 -15.95 18.07
C LEU B 99 -27.64 -15.04 19.06
N SER B 100 -27.13 -15.64 20.14
CA SER B 100 -26.45 -14.88 21.18
C SER B 100 -25.19 -14.19 20.64
N LEU B 101 -24.44 -14.90 19.81
CA LEU B 101 -23.24 -14.34 19.21
C LEU B 101 -23.57 -13.23 18.21
N SER B 102 -24.61 -13.44 17.40
CA SER B 102 -25.06 -12.43 16.45
C SER B 102 -25.39 -11.13 17.16
N GLU B 103 -26.06 -11.23 18.29
CA GLU B 103 -26.38 -10.07 19.12
C GLU B 103 -25.16 -9.51 19.85
N ARG B 104 -24.43 -10.39 20.55
CA ARG B 104 -23.38 -9.96 21.45
C ARG B 104 -22.09 -9.57 20.72
N VAL B 105 -21.87 -10.15 19.55
CA VAL B 105 -20.64 -9.90 18.81
C VAL B 105 -20.89 -9.18 17.49
N HIS B 106 -21.59 -9.83 16.57
CA HIS B 106 -21.78 -9.29 15.23
C HIS B 106 -22.50 -7.94 15.21
N TYR B 107 -23.66 -7.86 15.87
CA TYR B 107 -24.39 -6.60 15.96
C TYR B 107 -23.58 -5.52 16.67
N GLN B 108 -23.06 -5.86 17.85
CA GLN B 108 -22.30 -4.91 18.66
C GLN B 108 -21.09 -4.31 17.93
N MSE B 109 -20.36 -5.16 17.19
CA MSE B 109 -19.19 -4.72 16.41
C MSE B 109 -19.55 -3.54 15.52
O MSE B 109 -18.90 -2.49 15.56
CB MSE B 109 -18.71 -5.85 15.52
CG MSE B 109 -17.74 -6.84 16.15
SE MSE B 109 -17.49 -8.37 14.95
CE MSE B 109 -15.77 -9.00 15.62
N GLY B 110 -20.60 -3.71 14.72
CA GLY B 110 -21.01 -2.70 13.77
C GLY B 110 -21.37 -1.40 14.44
N LEU B 111 -22.12 -1.49 15.54
CA LEU B 111 -22.51 -0.32 16.31
C LEU B 111 -21.29 0.43 16.83
N ASN B 112 -20.37 -0.29 17.43
CA ASN B 112 -19.14 0.29 17.97
C ASN B 112 -18.35 1.06 16.90
N HIS B 113 -18.30 0.51 15.70
CA HIS B 113 -17.57 1.11 14.60
C HIS B 113 -18.10 2.49 14.26
N PHE B 114 -19.43 2.60 14.13
CA PHE B 114 -20.06 3.87 13.82
C PHE B 114 -19.93 4.86 14.98
N VAL B 115 -19.93 4.34 16.20
CA VAL B 115 -19.74 5.16 17.38
C VAL B 115 -18.32 5.72 17.44
N ALA B 116 -17.35 4.86 17.17
CA ALA B 116 -15.94 5.27 17.19
C ALA B 116 -15.67 6.36 16.16
N ALA B 117 -16.16 6.17 14.94
CA ALA B 117 -15.94 7.13 13.87
C ALA B 117 -16.59 8.47 14.18
N ARG B 118 -17.83 8.44 14.66
CA ARG B 118 -18.51 9.66 15.05
C ARG B 118 -17.71 10.41 16.11
N ASP B 119 -17.32 9.70 17.17
CA ASP B 119 -16.58 10.29 18.28
C ASP B 119 -15.20 10.81 17.87
N ALA B 120 -14.54 10.10 16.97
CA ALA B 120 -13.20 10.47 16.53
C ALA B 120 -13.18 11.85 15.87
N LEU B 121 -14.30 12.24 15.28
CA LEU B 121 -14.43 13.54 14.63
C LEU B 121 -14.57 14.71 15.62
N ASP B 122 -14.73 14.40 16.91
CA ASP B 122 -14.86 15.44 17.93
C ASP B 122 -13.65 16.36 17.89
N ASN B 123 -12.46 15.78 18.05
CA ASN B 123 -11.26 16.48 17.66
C ASN B 123 -10.43 15.59 16.75
N TYR B 124 -10.37 16.00 15.49
CA TYR B 124 -9.49 15.38 14.52
C TYR B 124 -9.03 16.53 13.64
N GLU B 125 -7.74 16.57 13.33
CA GLU B 125 -7.20 17.72 12.63
C GLU B 125 -7.02 17.42 11.16
N PHE B 126 -7.85 18.03 10.32
CA PHE B 126 -7.74 17.88 8.88
C PHE B 126 -6.81 18.90 8.23
N GLU B 127 -6.48 19.96 8.97
CA GLU B 127 -5.65 21.04 8.44
C GLU B 127 -4.60 21.47 9.44
N GLU B 128 -3.38 21.59 8.95
CA GLU B 128 -2.26 21.98 9.80
C GLU B 128 -1.37 22.96 9.05
N ARG B 129 -1.09 24.11 9.67
CA ARG B 129 -0.14 25.04 9.09
C ARG B 129 1.27 24.69 9.54
N ARG B 130 2.20 24.60 8.58
CA ARG B 130 3.60 24.41 8.92
C ARG B 130 4.43 25.48 8.24
N GLY B 131 5.02 26.36 9.05
CA GLY B 131 5.68 27.53 8.51
C GLY B 131 4.71 28.34 7.67
N ASP B 132 5.09 28.60 6.43
CA ASP B 132 4.22 29.30 5.50
C ASP B 132 3.41 28.35 4.63
N ASP B 133 3.51 27.05 4.92
CA ASP B 133 2.82 26.03 4.13
C ASP B 133 1.55 25.51 4.80
N LEU B 134 0.56 25.19 3.98
CA LEU B 134 -0.66 24.54 4.45
C LEU B 134 -0.65 23.05 4.13
N VAL B 135 -0.91 22.22 5.13
CA VAL B 135 -1.04 20.79 4.92
C VAL B 135 -2.45 20.35 5.27
N VAL B 136 -3.13 19.72 4.32
CA VAL B 136 -4.53 19.31 4.52
C VAL B 136 -4.73 17.83 4.25
N LYS B 137 -5.58 17.22 5.07
CA LYS B 137 -6.03 15.86 4.82
C LYS B 137 -7.42 15.91 4.19
N GLU B 138 -7.53 15.35 2.99
CA GLU B 138 -8.78 15.35 2.25
C GLU B 138 -9.23 13.94 1.92
N ALA B 139 -10.53 13.78 1.72
CA ALA B 139 -11.10 12.52 1.27
C ALA B 139 -10.44 12.10 -0.03
N ILE B 140 -10.07 10.83 -0.11
CA ILE B 140 -9.41 10.31 -1.30
C ILE B 140 -10.36 10.26 -2.50
N GLY B 141 -11.66 10.35 -2.25
CA GLY B 141 -12.64 10.23 -3.32
C GLY B 141 -13.25 8.84 -3.41
N VAL B 142 -13.81 8.52 -4.58
CA VAL B 142 -14.58 7.29 -4.76
C VAL B 142 -13.81 6.03 -4.36
N SER B 143 -14.41 5.24 -3.48
CA SER B 143 -13.75 4.06 -2.93
C SER B 143 -14.60 2.82 -3.11
N GLY B 144 -14.03 1.78 -3.71
CA GLY B 144 -14.71 0.50 -3.79
C GLY B 144 -14.50 -0.30 -2.52
N LEU B 145 -15.52 -1.02 -2.10
CA LEU B 145 -15.42 -1.86 -0.91
C LEU B 145 -15.91 -3.26 -1.24
N ILE B 146 -15.07 -4.26 -0.95
CA ILE B 146 -15.45 -5.66 -1.08
C ILE B 146 -15.25 -6.37 0.25
N THR B 147 -16.35 -6.83 0.85
CA THR B 147 -16.34 -7.25 2.25
C THR B 147 -16.64 -8.74 2.42
N PRO B 148 -16.17 -9.36 3.52
CA PRO B 148 -16.27 -10.81 3.63
C PRO B 148 -17.58 -11.30 4.26
N TRP B 149 -17.76 -12.62 4.29
CA TRP B 149 -18.95 -13.23 4.89
C TRP B 149 -18.81 -13.66 6.36
N ASN B 150 -17.59 -13.67 6.89
CA ASN B 150 -17.37 -14.29 8.20
C ASN B 150 -17.81 -13.41 9.36
N PHE B 151 -17.69 -12.10 9.16
CA PHE B 151 -18.25 -11.11 10.07
C PHE B 151 -18.90 -10.03 9.23
N PRO B 152 -20.15 -10.27 8.79
CA PRO B 152 -20.86 -9.45 7.81
C PRO B 152 -21.07 -7.99 8.22
N THR B 153 -21.18 -7.72 9.51
CA THR B 153 -21.33 -6.34 9.97
C THR B 153 -20.02 -5.68 10.41
N ASN B 154 -18.92 -6.44 10.40
CA ASN B 154 -17.68 -5.92 10.97
C ASN B 154 -16.87 -5.05 10.03
N GLN B 155 -16.26 -5.68 9.02
CA GLN B 155 -15.46 -4.96 8.03
C GLN B 155 -16.32 -3.97 7.27
N THR B 156 -17.59 -4.32 7.07
CA THR B 156 -18.53 -3.46 6.38
C THR B 156 -18.71 -2.16 7.16
N SER B 157 -19.08 -2.27 8.43
CA SER B 157 -19.30 -1.09 9.26
C SER B 157 -18.04 -0.29 9.47
N LEU B 158 -16.93 -0.99 9.70
CA LEU B 158 -15.64 -0.34 9.91
C LEU B 158 -15.26 0.56 8.74
N LYS B 159 -15.30 0.00 7.54
CA LYS B 159 -14.93 0.75 6.33
C LYS B 159 -15.93 1.86 6.00
N LEU B 160 -17.22 1.56 6.15
CA LEU B 160 -18.26 2.54 5.86
C LEU B 160 -18.20 3.73 6.81
N ALA B 161 -18.00 3.47 8.10
CA ALA B 161 -17.88 4.52 9.09
C ALA B 161 -16.66 5.39 8.80
N ALA B 162 -15.54 4.75 8.50
CA ALA B 162 -14.30 5.45 8.19
C ALA B 162 -14.46 6.35 6.96
N ALA B 163 -15.07 5.82 5.91
CA ALA B 163 -15.26 6.57 4.67
C ALA B 163 -16.18 7.76 4.86
N PHE B 164 -17.25 7.56 5.63
CA PHE B 164 -18.21 8.63 5.91
C PHE B 164 -17.58 9.71 6.77
N ALA B 165 -16.78 9.29 7.75
CA ALA B 165 -16.06 10.24 8.60
C ALA B 165 -15.06 11.06 7.79
N ALA B 166 -14.45 10.42 6.80
CA ALA B 166 -13.44 11.06 5.96
C ALA B 166 -14.02 11.91 4.85
N GLY B 167 -15.29 11.66 4.51
CA GLY B 167 -15.92 12.34 3.39
C GLY B 167 -15.70 11.67 2.04
N SER B 168 -15.46 10.37 2.03
CA SER B 168 -15.35 9.61 0.79
C SER B 168 -16.62 8.82 0.47
N PRO B 169 -17.17 9.01 -0.74
CA PRO B 169 -18.31 8.20 -1.16
C PRO B 169 -17.87 6.80 -1.52
N VAL B 170 -18.74 5.81 -1.37
CA VAL B 170 -18.33 4.43 -1.60
C VAL B 170 -19.26 3.66 -2.53
N VAL B 171 -18.69 2.63 -3.13
CA VAL B 171 -19.46 1.62 -3.83
C VAL B 171 -19.15 0.30 -3.15
N LEU B 172 -20.16 -0.30 -2.53
CA LEU B 172 -19.96 -1.51 -1.75
C LEU B 172 -20.47 -2.76 -2.48
N LYS B 173 -19.59 -3.76 -2.57
CA LYS B 173 -20.03 -5.09 -2.96
C LYS B 173 -19.83 -6.05 -1.78
N PRO B 174 -20.93 -6.45 -1.14
CA PRO B 174 -20.88 -7.43 -0.06
C PRO B 174 -20.69 -8.84 -0.61
N SER B 175 -20.28 -9.76 0.25
CA SER B 175 -20.27 -11.17 -0.10
C SER B 175 -21.68 -11.63 -0.48
N GLU B 176 -21.83 -12.27 -1.63
CA GLU B 176 -23.14 -12.75 -2.04
C GLU B 176 -23.63 -13.87 -1.13
N GLU B 177 -22.72 -14.43 -0.34
CA GLU B 177 -23.08 -15.37 0.70
C GLU B 177 -23.86 -14.65 1.79
N THR B 178 -23.39 -13.47 2.20
CA THR B 178 -24.05 -12.76 3.30
C THR B 178 -24.40 -11.29 3.00
N PRO B 179 -25.26 -11.07 1.98
CA PRO B 179 -25.70 -9.73 1.59
C PRO B 179 -26.71 -9.05 2.54
N PHE B 180 -27.43 -9.82 3.35
CA PHE B 180 -28.57 -9.29 4.10
C PHE B 180 -28.22 -8.15 5.07
N ALA B 181 -27.14 -8.34 5.84
CA ALA B 181 -26.68 -7.31 6.76
C ALA B 181 -26.38 -6.02 6.01
N ALA B 182 -25.74 -6.15 4.85
CA ALA B 182 -25.40 -4.99 4.02
C ALA B 182 -26.64 -4.29 3.49
N VAL B 183 -27.66 -5.07 3.12
CA VAL B 183 -28.92 -4.52 2.66
C VAL B 183 -29.56 -3.67 3.76
N ILE B 184 -29.50 -4.18 4.99
CA ILE B 184 -30.04 -3.46 6.15
C ILE B 184 -29.32 -2.14 6.38
N LEU B 185 -27.99 -2.17 6.29
CA LEU B 185 -27.19 -0.95 6.38
C LEU B 185 -27.65 0.08 5.36
N ALA B 186 -27.88 -0.38 4.13
CA ALA B 186 -28.36 0.48 3.06
C ALA B 186 -29.70 1.11 3.44
N GLU B 187 -30.60 0.30 3.99
CA GLU B 187 -31.90 0.78 4.44
C GLU B 187 -31.72 1.86 5.50
N ILE B 188 -30.77 1.64 6.39
CA ILE B 188 -30.47 2.60 7.44
C ILE B 188 -29.97 3.91 6.84
N PHE B 189 -29.01 3.79 5.93
CA PHE B 189 -28.42 4.96 5.27
C PHE B 189 -29.46 5.75 4.51
N ASP B 190 -30.38 5.03 3.86
CA ASP B 190 -31.46 5.68 3.11
C ASP B 190 -32.46 6.37 4.03
N LYS B 191 -32.75 5.75 5.17
CA LYS B 191 -33.71 6.31 6.13
C LYS B 191 -33.19 7.58 6.81
N VAL B 192 -31.91 7.59 7.18
CA VAL B 192 -31.34 8.74 7.87
C VAL B 192 -30.91 9.80 6.87
N GLY B 193 -31.05 9.49 5.59
CA GLY B 193 -30.80 10.46 4.53
C GLY B 193 -29.34 10.74 4.21
N VAL B 194 -28.53 9.69 4.16
CA VAL B 194 -27.20 9.82 3.59
C VAL B 194 -27.36 10.35 2.17
N PRO B 195 -26.74 11.51 1.87
CA PRO B 195 -26.93 12.18 0.59
C PRO B 195 -26.68 11.25 -0.60
N LYS B 196 -27.47 11.40 -1.65
CA LYS B 196 -27.45 10.48 -2.78
C LYS B 196 -26.11 10.48 -3.49
N GLY B 197 -25.67 9.29 -3.90
CA GLY B 197 -24.38 9.12 -4.56
C GLY B 197 -23.26 8.81 -3.59
N VAL B 198 -23.45 9.13 -2.31
CA VAL B 198 -22.41 8.90 -1.31
C VAL B 198 -22.28 7.43 -0.92
N PHE B 199 -23.40 6.74 -0.80
CA PHE B 199 -23.38 5.31 -0.57
C PHE B 199 -24.07 4.53 -1.68
N ASN B 200 -23.40 3.49 -2.15
CA ASN B 200 -23.96 2.65 -3.19
C ASN B 200 -23.72 1.18 -2.92
N LEU B 201 -24.78 0.39 -3.00
CA LEU B 201 -24.72 -1.04 -2.79
C LEU B 201 -24.94 -1.79 -4.10
N VAL B 202 -23.92 -2.49 -4.57
CA VAL B 202 -24.09 -3.30 -5.77
C VAL B 202 -23.81 -4.77 -5.45
N ASN B 203 -24.87 -5.57 -5.42
CA ASN B 203 -24.76 -6.98 -5.15
C ASN B 203 -24.35 -7.75 -6.39
N GLY B 204 -23.61 -8.84 -6.20
CA GLY B 204 -23.19 -9.69 -7.30
C GLY B 204 -22.02 -10.55 -6.89
N ASP B 205 -21.34 -11.15 -7.88
CA ASP B 205 -20.19 -11.99 -7.60
C ASP B 205 -18.92 -11.34 -8.11
N GLY B 206 -17.80 -12.04 -7.97
CA GLY B 206 -16.51 -11.51 -8.37
C GLY B 206 -16.45 -11.12 -9.83
N ALA B 207 -17.03 -11.95 -10.69
CA ALA B 207 -16.91 -11.75 -12.13
C ALA B 207 -17.75 -10.59 -12.66
N GLY B 208 -18.99 -10.50 -12.18
CA GLY B 208 -19.93 -9.49 -12.64
C GLY B 208 -19.73 -8.13 -12.01
N VAL B 209 -19.33 -8.12 -10.75
CA VAL B 209 -19.27 -6.89 -9.96
C VAL B 209 -17.86 -6.57 -9.47
N GLY B 210 -17.28 -7.47 -8.68
CA GLY B 210 -15.96 -7.27 -8.11
C GLY B 210 -14.88 -6.89 -9.11
N ASN B 211 -14.79 -7.62 -10.23
CA ASN B 211 -13.81 -7.28 -11.26
C ASN B 211 -14.01 -5.90 -11.91
N PRO B 212 -15.24 -5.58 -12.39
CA PRO B 212 -15.41 -4.25 -12.97
C PRO B 212 -15.18 -3.13 -11.96
N LEU B 213 -15.59 -3.35 -10.72
CA LEU B 213 -15.41 -2.34 -9.69
C LEU B 213 -13.92 -2.09 -9.45
N SER B 214 -13.14 -3.16 -9.36
CA SER B 214 -11.71 -3.03 -9.07
C SER B 214 -10.96 -2.47 -10.27
N GLU B 215 -11.53 -2.61 -11.47
CA GLU B 215 -10.89 -2.13 -12.68
C GLU B 215 -11.33 -0.72 -13.10
N HIS B 216 -12.26 -0.14 -12.37
CA HIS B 216 -12.86 1.13 -12.77
C HIS B 216 -11.90 2.30 -12.60
N PRO B 217 -11.63 3.03 -13.68
CA PRO B 217 -10.65 4.13 -13.67
C PRO B 217 -11.04 5.27 -12.75
N LYS B 218 -12.33 5.40 -12.45
CA LYS B 218 -12.81 6.48 -11.61
C LYS B 218 -12.82 6.13 -10.12
N VAL B 219 -12.55 4.87 -9.80
CA VAL B 219 -12.43 4.47 -8.41
C VAL B 219 -11.00 4.73 -7.97
N ARG B 220 -10.82 5.62 -7.01
CA ARG B 220 -9.48 6.03 -6.61
C ARG B 220 -8.90 5.14 -5.52
N MSE B 221 -9.74 4.33 -4.89
CA MSE B 221 -9.26 3.46 -3.83
C MSE B 221 -10.06 2.16 -3.74
O MSE B 221 -11.26 2.14 -3.94
CB MSE B 221 -9.29 4.18 -2.48
CG MSE B 221 -8.30 3.62 -1.48
SE MSE B 221 -9.05 3.32 0.28
CE MSE B 221 -10.56 2.20 -0.24
N MSE B 222 -9.36 1.08 -3.42
CA MSE B 222 -10.00 -0.20 -3.28
C MSE B 222 -9.67 -0.79 -1.91
O MSE B 222 -8.51 -0.92 -1.55
CB MSE B 222 -9.54 -1.15 -4.39
CG MSE B 222 -10.53 -2.23 -4.73
SE MSE B 222 -12.09 -1.55 -5.66
CE MSE B 222 -13.11 -3.20 -5.73
N SER B 223 -10.71 -1.13 -1.15
CA SER B 223 -10.53 -1.77 0.16
C SER B 223 -11.15 -3.16 0.14
N PHE B 224 -10.33 -4.16 0.41
CA PHE B 224 -10.76 -5.55 0.27
C PHE B 224 -10.43 -6.38 1.49
N THR B 225 -11.36 -7.22 1.90
CA THR B 225 -11.14 -8.19 2.95
C THR B 225 -11.66 -9.54 2.47
N GLY B 226 -10.87 -10.59 2.67
CA GLY B 226 -11.25 -11.90 2.16
C GLY B 226 -10.09 -12.83 1.94
N SER B 227 -10.29 -13.80 1.04
CA SER B 227 -9.31 -14.85 0.77
C SER B 227 -8.04 -14.30 0.11
N GLY B 228 -6.97 -15.07 0.23
CA GLY B 228 -5.71 -14.78 -0.44
C GLY B 228 -5.79 -14.78 -1.96
N PRO B 229 -6.27 -15.89 -2.56
CA PRO B 229 -6.37 -15.98 -4.03
C PRO B 229 -7.12 -14.82 -4.68
N THR B 230 -8.25 -14.42 -4.12
CA THR B 230 -9.01 -13.30 -4.67
C THR B 230 -8.27 -11.98 -4.43
N GLY B 231 -7.63 -11.87 -3.26
CA GLY B 231 -6.87 -10.68 -2.90
C GLY B 231 -5.76 -10.34 -3.88
N SER B 232 -4.96 -11.35 -4.22
CA SER B 232 -3.91 -11.19 -5.23
C SER B 232 -4.54 -10.80 -6.56
N LYS B 233 -5.68 -11.42 -6.85
CA LYS B 233 -6.40 -11.18 -8.09
C LYS B 233 -6.86 -9.72 -8.24
N ILE B 234 -7.47 -9.17 -7.18
CA ILE B 234 -7.95 -7.80 -7.22
C ILE B 234 -6.83 -6.77 -7.17
N MSE B 235 -5.81 -7.04 -6.34
CA MSE B 235 -4.66 -6.14 -6.23
C MSE B 235 -3.88 -6.06 -7.54
O MSE B 235 -3.24 -5.05 -7.85
CB MSE B 235 -3.75 -6.56 -5.07
CG MSE B 235 -2.52 -5.69 -4.89
SE MSE B 235 -1.46 -6.19 -3.34
CE MSE B 235 0.24 -5.36 -3.85
N GLU B 236 -3.95 -7.14 -8.32
CA GLU B 236 -3.30 -7.17 -9.62
C GLU B 236 -4.08 -6.34 -10.64
N LYS B 237 -5.41 -6.33 -10.51
CA LYS B 237 -6.26 -5.55 -11.40
C LYS B 237 -6.19 -4.07 -11.06
N ALA B 238 -5.69 -3.74 -9.88
CA ALA B 238 -5.58 -2.37 -9.44
C ALA B 238 -4.19 -1.79 -9.73
N ALA B 239 -3.35 -2.59 -10.39
CA ALA B 239 -1.97 -2.17 -10.67
C ALA B 239 -1.89 -1.24 -11.88
N LYS B 240 -2.92 -1.27 -12.72
CA LYS B 240 -2.95 -0.42 -13.91
C LYS B 240 -3.31 1.01 -13.56
N ASP B 241 -4.26 1.16 -12.63
CA ASP B 241 -4.73 2.47 -12.21
C ASP B 241 -3.92 2.99 -11.03
N PHE B 242 -3.07 2.14 -10.48
CA PHE B 242 -2.31 2.43 -9.27
C PHE B 242 -3.22 2.88 -8.13
N LYS B 243 -4.38 2.23 -8.03
CA LYS B 243 -5.32 2.49 -6.96
C LYS B 243 -4.68 2.20 -5.62
N LYS B 244 -5.01 2.97 -4.60
CA LYS B 244 -4.61 2.64 -3.25
C LYS B 244 -5.37 1.38 -2.86
N VAL B 245 -4.65 0.36 -2.40
CA VAL B 245 -5.24 -0.93 -2.09
C VAL B 245 -5.00 -1.32 -0.64
N SER B 246 -6.06 -1.71 0.06
CA SER B 246 -5.92 -2.27 1.41
C SER B 246 -6.48 -3.68 1.44
N LEU B 247 -5.60 -4.65 1.64
CA LEU B 247 -6.02 -6.05 1.69
C LEU B 247 -5.93 -6.61 3.10
N GLU B 248 -7.00 -7.27 3.53
CA GLU B 248 -7.03 -7.91 4.84
C GLU B 248 -7.33 -9.41 4.66
N LEU B 249 -6.42 -10.24 5.15
CA LEU B 249 -6.37 -11.66 4.77
C LEU B 249 -6.30 -12.58 5.98
N GLY B 250 -6.50 -13.88 5.74
CA GLY B 250 -6.48 -14.88 6.80
C GLY B 250 -5.08 -15.26 7.25
N GLY B 251 -5.00 -16.27 8.11
CA GLY B 251 -3.73 -16.73 8.63
C GLY B 251 -3.76 -18.02 9.44
N LYS B 252 -2.57 -18.48 9.80
CA LYS B 252 -2.43 -19.59 10.75
C LYS B 252 -1.79 -19.01 12.00
N SER B 253 -2.58 -18.88 13.06
CA SER B 253 -2.10 -18.22 14.28
C SER B 253 -1.71 -19.24 15.34
N PRO B 254 -0.43 -19.22 15.72
CA PRO B 254 0.03 -20.17 16.74
C PRO B 254 -0.46 -19.77 18.13
N TYR B 255 -0.83 -20.74 18.94
CA TYR B 255 -1.10 -20.51 20.35
C TYR B 255 -0.04 -21.26 21.14
N ILE B 256 0.85 -20.52 21.79
CA ILE B 256 1.93 -21.12 22.55
C ILE B 256 1.52 -21.34 24.00
N VAL B 257 1.59 -22.58 24.44
CA VAL B 257 1.29 -22.92 25.82
C VAL B 257 2.58 -23.15 26.60
N LEU B 258 2.75 -22.41 27.70
CA LEU B 258 3.90 -22.60 28.58
C LEU B 258 3.70 -23.80 29.49
N ASP B 259 4.79 -24.39 29.97
CA ASP B 259 4.72 -25.58 30.82
C ASP B 259 4.24 -25.28 32.24
N ASP B 260 4.23 -24.01 32.63
CA ASP B 260 3.78 -23.62 33.96
C ASP B 260 2.29 -23.24 33.99
N VAL B 261 1.64 -23.38 32.84
CA VAL B 261 0.23 -23.00 32.69
C VAL B 261 -0.70 -23.91 33.51
N ASP B 262 -1.91 -23.41 33.78
CA ASP B 262 -2.96 -24.26 34.31
C ASP B 262 -3.56 -25.04 33.14
N ILE B 263 -3.51 -26.37 33.24
CA ILE B 263 -3.88 -27.24 32.13
C ILE B 263 -5.32 -27.06 31.67
N LYS B 264 -6.25 -26.93 32.62
CA LYS B 264 -7.65 -26.78 32.28
C LYS B 264 -7.92 -25.47 31.55
N GLU B 265 -7.30 -24.39 32.03
CA GLU B 265 -7.51 -23.08 31.41
C GLU B 265 -6.80 -22.98 30.06
N ALA B 266 -5.74 -23.76 29.89
CA ALA B 266 -5.05 -23.84 28.61
C ALA B 266 -5.96 -24.50 27.58
N ALA B 267 -6.57 -25.61 27.97
CA ALA B 267 -7.51 -26.32 27.11
C ALA B 267 -8.72 -25.45 26.81
N LYS B 268 -9.13 -24.67 27.80
CA LYS B 268 -10.29 -23.80 27.66
C LYS B 268 -10.01 -22.68 26.67
N ALA B 269 -8.84 -22.06 26.82
CA ALA B 269 -8.44 -20.95 25.97
C ALA B 269 -8.27 -21.39 24.52
N THR B 270 -7.48 -22.44 24.32
CA THR B 270 -7.17 -22.93 22.98
C THR B 270 -8.40 -23.44 22.23
N THR B 271 -9.30 -24.13 22.94
CA THR B 271 -10.53 -24.64 22.34
C THR B 271 -11.42 -23.50 21.86
N GLY B 272 -11.49 -22.44 22.66
CA GLY B 272 -12.31 -21.29 22.34
C GLY B 272 -11.85 -20.58 21.08
N LYS B 273 -10.53 -20.43 20.95
CA LYS B 273 -9.95 -19.76 19.79
C LYS B 273 -10.18 -20.53 18.50
N VAL B 274 -10.25 -21.85 18.61
CA VAL B 274 -10.52 -22.71 17.45
C VAL B 274 -12.00 -22.77 17.03
N VAL B 275 -12.89 -22.99 17.99
CA VAL B 275 -14.31 -23.21 17.65
C VAL B 275 -15.15 -21.96 17.41
N ASN B 276 -14.69 -20.80 17.89
CA ASN B 276 -15.43 -19.55 17.71
C ASN B 276 -15.73 -19.23 16.24
N ASN B 277 -16.99 -18.91 15.95
CA ASN B 277 -17.47 -18.67 14.60
C ASN B 277 -17.19 -19.87 13.69
N THR B 278 -17.34 -21.06 14.27
CA THR B 278 -17.06 -22.33 13.57
C THR B 278 -15.67 -22.34 12.95
N GLY B 279 -14.72 -21.73 13.66
CA GLY B 279 -13.35 -21.71 13.21
C GLY B 279 -13.10 -20.85 12.00
N GLN B 280 -14.10 -20.10 11.55
CA GLN B 280 -13.81 -19.22 10.44
C GLN B 280 -13.62 -17.87 11.09
N VAL B 281 -12.35 -17.54 11.24
CA VAL B 281 -11.86 -16.30 11.77
C VAL B 281 -10.48 -16.25 11.13
N CYS B 282 -9.99 -15.06 10.82
CA CYS B 282 -8.66 -14.97 10.23
C CYS B 282 -7.57 -15.16 11.30
N THR B 283 -7.91 -14.78 12.53
CA THR B 283 -6.97 -14.79 13.67
C THR B 283 -7.03 -16.08 14.49
N ALA B 284 -7.77 -17.07 14.01
CA ALA B 284 -8.02 -18.30 14.76
C ALA B 284 -6.75 -19.03 15.21
N GLY B 285 -6.85 -19.72 16.34
CA GLY B 285 -5.72 -20.28 17.07
C GLY B 285 -5.31 -21.65 16.59
N THR B 286 -5.60 -21.93 15.33
CA THR B 286 -5.52 -23.26 14.73
C THR B 286 -4.23 -24.07 14.94
N ARG B 287 -3.10 -23.40 15.16
CA ARG B 287 -1.89 -24.12 15.56
C ARG B 287 -1.63 -23.99 17.06
N VAL B 288 -1.71 -25.10 17.78
CA VAL B 288 -1.50 -25.08 19.22
C VAL B 288 -0.20 -25.79 19.60
N LEU B 289 0.75 -25.02 20.13
CA LEU B 289 2.07 -25.54 20.50
C LEU B 289 2.12 -25.88 21.98
N VAL B 290 2.35 -27.15 22.29
CA VAL B 290 2.33 -27.62 23.67
C VAL B 290 3.69 -28.17 24.07
N PRO B 291 4.09 -27.98 25.34
CA PRO B 291 5.34 -28.55 25.85
C PRO B 291 5.25 -30.07 25.92
N ASN B 292 6.33 -30.74 25.52
CA ASN B 292 6.37 -32.20 25.49
C ASN B 292 6.04 -32.86 26.82
N LYS B 293 6.34 -32.16 27.92
CA LYS B 293 6.16 -32.73 29.25
C LYS B 293 4.71 -32.75 29.72
N ILE B 294 3.96 -31.71 29.41
CA ILE B 294 2.55 -31.62 29.81
C ILE B 294 1.61 -32.15 28.72
N LYS B 295 2.20 -32.69 27.65
CA LYS B 295 1.46 -33.11 26.46
C LYS B 295 0.26 -34.03 26.74
N ASP B 296 0.51 -35.14 27.43
CA ASP B 296 -0.55 -36.12 27.68
C ASP B 296 -1.69 -35.56 28.51
N ALA B 297 -1.35 -34.77 29.53
CA ALA B 297 -2.35 -34.17 30.40
C ALA B 297 -3.15 -33.11 29.67
N PHE B 298 -2.48 -32.37 28.79
CA PHE B 298 -3.14 -31.32 28.03
C PHE B 298 -4.16 -31.91 27.05
N LEU B 299 -3.76 -32.97 26.36
CA LEU B 299 -4.63 -33.60 25.36
C LEU B 299 -5.87 -34.19 26.00
N ALA B 300 -5.70 -34.79 27.17
CA ALA B 300 -6.81 -35.38 27.91
C ALA B 300 -7.86 -34.32 28.24
N GLU B 301 -7.40 -33.16 28.71
CA GLU B 301 -8.31 -32.06 29.03
C GLU B 301 -8.84 -31.41 27.76
N LEU B 302 -8.06 -31.50 26.69
CA LEU B 302 -8.47 -30.97 25.40
C LEU B 302 -9.61 -31.81 24.84
N LYS B 303 -9.49 -33.13 25.02
CA LYS B 303 -10.54 -34.06 24.61
C LYS B 303 -11.83 -33.77 25.39
N GLU B 304 -11.67 -33.42 26.66
CA GLU B 304 -12.81 -33.15 27.52
C GLU B 304 -13.51 -31.84 27.12
N GLN B 305 -12.71 -30.81 26.85
CA GLN B 305 -13.25 -29.50 26.49
C GLN B 305 -14.01 -29.52 25.17
N PHE B 306 -13.49 -30.25 24.18
CA PHE B 306 -14.14 -30.39 22.89
C PHE B 306 -15.50 -31.08 23.00
N SER B 307 -15.61 -31.98 23.97
CA SER B 307 -16.88 -32.68 24.21
C SER B 307 -17.94 -31.71 24.71
N GLN B 308 -17.51 -30.63 25.34
CA GLN B 308 -18.43 -29.64 25.91
C GLN B 308 -18.89 -28.64 24.86
N VAL B 309 -18.31 -28.72 23.66
CA VAL B 309 -18.64 -27.78 22.60
C VAL B 309 -19.94 -28.20 21.94
N ARG B 310 -20.93 -27.31 21.97
CA ARG B 310 -22.24 -27.60 21.41
C ARG B 310 -22.38 -27.06 19.99
N VAL B 311 -22.46 -27.99 19.04
CA VAL B 311 -22.61 -27.66 17.64
C VAL B 311 -24.04 -27.98 17.19
N GLY B 312 -24.67 -27.05 16.48
CA GLY B 312 -26.02 -27.27 16.03
C GLY B 312 -26.77 -26.03 15.60
N ASN B 313 -28.09 -26.12 15.67
CA ASN B 313 -29.01 -25.05 15.27
C ASN B 313 -28.67 -23.75 15.98
N PRO B 314 -28.42 -22.69 15.20
CA PRO B 314 -28.07 -21.36 15.72
C PRO B 314 -29.20 -20.75 16.55
N ARG B 315 -30.43 -21.15 16.26
CA ARG B 315 -31.59 -20.61 16.96
C ARG B 315 -31.96 -21.45 18.18
N GLU B 316 -31.29 -22.59 18.31
CA GLU B 316 -31.47 -23.45 19.48
C GLU B 316 -30.69 -22.84 20.65
N ASP B 317 -31.32 -22.81 21.82
CA ASP B 317 -30.70 -22.19 22.99
C ASP B 317 -29.44 -22.90 23.46
N GLY B 318 -28.38 -22.14 23.66
CA GLY B 318 -27.14 -22.67 24.19
C GLY B 318 -26.19 -23.22 23.14
N THR B 319 -26.54 -23.06 21.86
CA THR B 319 -25.65 -23.52 20.80
C THR B 319 -24.42 -22.62 20.74
N GLN B 320 -23.25 -23.24 20.89
CA GLN B 320 -21.99 -22.50 20.87
C GLN B 320 -21.49 -22.24 19.46
N VAL B 321 -21.61 -23.26 18.61
CA VAL B 321 -21.03 -23.22 17.27
C VAL B 321 -22.04 -23.59 16.20
N GLY B 322 -22.21 -22.70 15.22
CA GLY B 322 -23.10 -22.96 14.12
C GLY B 322 -22.41 -23.72 13.01
N PRO B 323 -22.99 -23.67 11.80
CA PRO B 323 -22.44 -24.38 10.64
C PRO B 323 -21.33 -23.58 9.95
N ILE B 324 -20.74 -24.17 8.91
CA ILE B 324 -19.84 -23.44 8.02
C ILE B 324 -20.73 -22.62 7.10
N ILE B 325 -20.21 -21.51 6.58
CA ILE B 325 -21.00 -20.58 5.78
C ILE B 325 -21.69 -21.21 4.56
N SER B 326 -20.94 -22.00 3.80
CA SER B 326 -21.44 -22.50 2.52
C SER B 326 -20.99 -23.92 2.22
N LYS B 327 -21.65 -24.54 1.25
CA LYS B 327 -21.28 -25.87 0.77
C LYS B 327 -19.84 -25.88 0.24
N LYS B 328 -19.52 -24.87 -0.57
CA LYS B 328 -18.20 -24.74 -1.15
C LYS B 328 -17.11 -24.66 -0.08
N GLN B 329 -17.37 -23.89 0.96
CA GLN B 329 -16.42 -23.71 2.04
C GLN B 329 -16.40 -24.93 2.96
N PHE B 330 -17.56 -25.56 3.12
CA PHE B 330 -17.66 -26.78 3.91
C PHE B 330 -16.82 -27.89 3.32
N ASP B 331 -16.85 -28.00 1.99
CA ASP B 331 -16.07 -29.00 1.28
C ASP B 331 -14.58 -28.76 1.49
N GLN B 332 -14.17 -27.49 1.41
CA GLN B 332 -12.79 -27.11 1.63
C GLN B 332 -12.28 -27.58 3.00
N VAL B 333 -13.11 -27.40 4.02
CA VAL B 333 -12.78 -27.86 5.37
C VAL B 333 -12.59 -29.38 5.36
N GLN B 334 -13.53 -30.07 4.72
CA GLN B 334 -13.47 -31.53 4.60
C GLN B 334 -12.20 -31.97 3.88
N ASN B 335 -11.85 -31.26 2.80
CA ASN B 335 -10.66 -31.58 2.04
C ASN B 335 -9.39 -31.44 2.86
N TYR B 336 -9.36 -30.46 3.77
CA TYR B 336 -8.20 -30.27 4.63
C TYR B 336 -8.10 -31.34 5.72
N ILE B 337 -9.24 -31.66 6.34
CA ILE B 337 -9.28 -32.72 7.33
C ILE B 337 -8.79 -34.05 6.74
N ASN B 338 -9.22 -34.35 5.51
CA ASN B 338 -8.73 -35.53 4.80
C ASN B 338 -7.25 -35.45 4.48
N LYS B 339 -6.80 -34.27 4.05
CA LYS B 339 -5.40 -34.05 3.72
C LYS B 339 -4.50 -34.28 4.93
N GLY B 340 -5.04 -34.00 6.11
CA GLY B 340 -4.32 -34.25 7.34
C GLY B 340 -4.11 -35.73 7.55
N ILE B 341 -5.18 -36.49 7.39
CA ILE B 341 -5.12 -37.95 7.51
C ILE B 341 -4.17 -38.52 6.46
N GLU B 342 -4.32 -38.06 5.22
CA GLU B 342 -3.50 -38.53 4.11
C GLU B 342 -2.00 -38.36 4.38
N GLU B 343 -1.64 -37.23 4.99
CA GLU B 343 -0.24 -36.91 5.26
C GLU B 343 0.32 -37.63 6.48
N GLY B 344 -0.57 -38.25 7.27
CA GLY B 344 -0.14 -38.96 8.45
C GLY B 344 -0.25 -38.18 9.74
N ALA B 345 -1.01 -37.09 9.72
CA ALA B 345 -1.36 -36.41 10.97
C ALA B 345 -2.31 -37.33 11.73
N GLU B 346 -2.18 -37.37 13.05
CA GLU B 346 -2.97 -38.31 13.85
C GLU B 346 -4.30 -37.72 14.30
N LEU B 347 -5.39 -38.31 13.84
CA LEU B 347 -6.72 -37.84 14.22
C LEU B 347 -6.95 -38.19 15.68
N PHE B 348 -7.25 -37.17 16.47
CA PHE B 348 -7.41 -37.33 17.91
C PHE B 348 -8.89 -37.24 18.27
N TYR B 349 -9.49 -36.08 18.02
CA TYR B 349 -10.90 -35.87 18.27
C TYR B 349 -11.58 -35.36 17.00
N GLY B 350 -12.84 -35.72 16.82
CA GLY B 350 -13.61 -35.29 15.67
C GLY B 350 -13.29 -36.08 14.41
N GLY B 351 -13.35 -35.41 13.27
CA GLY B 351 -13.05 -36.07 12.01
C GLY B 351 -13.85 -35.48 10.85
N PRO B 352 -13.78 -36.14 9.68
CA PRO B 352 -14.51 -35.69 8.49
C PRO B 352 -15.99 -35.98 8.63
N GLY B 353 -16.82 -35.32 7.84
CA GLY B 353 -18.25 -35.56 7.84
C GLY B 353 -18.99 -34.66 8.80
N LYS B 354 -20.32 -34.72 8.75
CA LYS B 354 -21.16 -33.91 9.62
C LYS B 354 -21.42 -34.65 10.93
N PRO B 355 -21.68 -33.90 12.02
CA PRO B 355 -21.99 -34.53 13.30
C PRO B 355 -23.25 -35.38 13.19
N GLU B 356 -23.36 -36.40 14.03
CA GLU B 356 -24.58 -37.20 14.07
C GLU B 356 -25.71 -36.33 14.58
N GLY B 357 -26.80 -36.31 13.83
CA GLY B 357 -27.98 -35.54 14.18
C GLY B 357 -28.16 -34.24 13.40
N LEU B 358 -27.09 -33.67 12.86
CA LEU B 358 -27.28 -32.72 11.77
C LEU B 358 -26.64 -33.30 10.52
N GLU B 359 -27.45 -33.80 9.59
CA GLU B 359 -26.98 -34.07 8.25
C GLU B 359 -27.41 -32.94 7.32
N LYS B 360 -28.17 -32.01 7.88
CA LYS B 360 -28.78 -30.93 7.10
C LYS B 360 -28.19 -29.62 7.56
N GLY B 361 -27.71 -28.83 6.59
CA GLY B 361 -26.90 -27.67 6.89
C GLY B 361 -25.47 -28.11 6.74
N TYR B 362 -24.53 -27.17 6.64
CA TYR B 362 -23.15 -27.60 6.46
C TYR B 362 -22.49 -27.50 7.81
N PHE B 363 -22.28 -28.64 8.43
CA PHE B 363 -21.79 -28.68 9.80
C PHE B 363 -20.53 -29.49 9.83
N ALA B 364 -19.42 -28.83 10.16
CA ALA B 364 -18.15 -29.51 10.32
C ALA B 364 -17.99 -29.91 11.77
N ARG B 365 -17.41 -31.08 12.00
CA ARG B 365 -17.14 -31.53 13.36
C ARG B 365 -15.87 -30.88 13.85
N PRO B 366 -15.91 -30.30 15.07
CA PRO B 366 -14.70 -29.78 15.70
C PRO B 366 -13.65 -30.88 15.76
N THR B 367 -12.43 -30.58 15.33
CA THR B 367 -11.46 -31.63 15.06
C THR B 367 -10.06 -31.31 15.58
N ILE B 368 -9.47 -32.25 16.30
CA ILE B 368 -8.10 -32.11 16.79
C ILE B 368 -7.16 -33.10 16.11
N PHE B 369 -6.05 -32.59 15.60
CA PHE B 369 -4.97 -33.44 15.10
C PHE B 369 -3.78 -33.33 16.05
N ILE B 370 -3.18 -34.45 16.40
CA ILE B 370 -1.98 -34.44 17.22
C ILE B 370 -0.80 -35.03 16.46
N ASN B 371 0.37 -35.00 17.10
CA ASN B 371 1.62 -35.42 16.47
C ASN B 371 1.80 -34.80 15.09
N VAL B 372 1.42 -33.53 14.97
CA VAL B 372 1.49 -32.82 13.70
C VAL B 372 2.88 -32.23 13.48
N ASP B 373 3.43 -32.48 12.31
CA ASP B 373 4.67 -31.83 11.90
C ASP B 373 4.35 -30.52 11.20
N ASN B 374 5.12 -29.48 11.50
CA ASN B 374 4.81 -28.14 11.00
C ASN B 374 4.87 -28.00 9.47
N GLN B 375 5.50 -28.95 8.82
CA GLN B 375 5.64 -28.91 7.36
C GLN B 375 4.42 -29.49 6.65
N MSE B 376 3.52 -30.11 7.42
CA MSE B 376 2.31 -30.69 6.87
C MSE B 376 1.38 -29.61 6.32
O MSE B 376 1.45 -28.45 6.73
CB MSE B 376 1.57 -31.53 7.92
CG MSE B 376 2.28 -32.80 8.32
SE MSE B 376 1.36 -33.71 9.77
CE MSE B 376 2.53 -35.26 9.97
N THR B 377 0.52 -29.99 5.38
CA THR B 377 -0.43 -29.07 4.78
C THR B 377 -1.36 -28.46 5.82
N ILE B 378 -1.87 -29.28 6.73
CA ILE B 378 -2.81 -28.79 7.74
C ILE B 378 -2.13 -27.86 8.74
N ALA B 379 -0.81 -27.93 8.82
CA ALA B 379 -0.05 -26.98 9.63
C ALA B 379 0.17 -25.66 8.90
N GLN B 380 0.44 -25.75 7.60
CA GLN B 380 0.85 -24.59 6.80
C GLN B 380 -0.26 -23.78 6.12
N GLU B 381 -1.48 -24.31 6.10
CA GLU B 381 -2.53 -23.67 5.31
C GLU B 381 -3.81 -23.39 6.10
N GLU B 382 -4.41 -22.22 5.88
CA GLU B 382 -5.60 -21.84 6.63
C GLU B 382 -6.78 -22.69 6.23
N ILE B 383 -7.35 -23.38 7.21
CA ILE B 383 -8.49 -24.26 7.00
C ILE B 383 -9.84 -23.52 6.98
N PHE B 384 -9.97 -22.52 7.86
CA PHE B 384 -11.23 -21.80 8.05
C PHE B 384 -12.36 -22.71 8.53
N GLY B 385 -12.02 -23.60 9.44
CA GLY B 385 -12.98 -24.48 10.08
C GLY B 385 -12.50 -24.78 11.49
N PRO B 386 -13.33 -25.46 12.29
CA PRO B 386 -12.96 -25.75 13.68
C PRO B 386 -11.97 -26.90 13.77
N VAL B 387 -10.80 -26.73 13.15
CA VAL B 387 -9.77 -27.76 13.13
C VAL B 387 -8.50 -27.28 13.83
N MSE B 388 -8.12 -27.97 14.90
CA MSE B 388 -6.92 -27.63 15.64
C MSE B 388 -5.78 -28.61 15.37
O MSE B 388 -5.97 -29.84 15.43
CB MSE B 388 -7.21 -27.57 17.14
CG MSE B 388 -5.97 -27.41 18.02
SE MSE B 388 -6.30 -27.79 19.91
CE MSE B 388 -7.46 -26.30 20.33
N SER B 389 -4.59 -28.09 15.07
CA SER B 389 -3.40 -28.91 14.93
C SER B 389 -2.51 -28.74 16.16
N VAL B 390 -2.27 -29.82 16.89
CA VAL B 390 -1.42 -29.78 18.07
C VAL B 390 0.01 -30.18 17.73
N ILE B 391 0.94 -29.26 17.94
CA ILE B 391 2.35 -29.52 17.68
C ILE B 391 3.15 -29.39 18.96
N THR B 392 3.80 -30.48 19.36
CA THR B 392 4.60 -30.48 20.59
C THR B 392 5.97 -29.83 20.40
N TYR B 393 6.52 -29.30 21.48
CA TYR B 393 7.88 -28.76 21.44
C TYR B 393 8.65 -29.13 22.70
N ASN B 394 9.98 -29.01 22.62
CA ASN B 394 10.87 -29.34 23.73
C ASN B 394 11.38 -28.10 24.45
N ASP B 395 12.12 -27.28 23.72
CA ASP B 395 12.62 -26.02 24.26
C ASP B 395 11.88 -24.83 23.65
N LEU B 396 11.75 -23.77 24.42
CA LEU B 396 11.02 -22.57 24.02
C LEU B 396 11.52 -22.01 22.69
N ASP B 397 12.82 -22.12 22.45
CA ASP B 397 13.41 -21.67 21.19
C ASP B 397 12.78 -22.39 20.02
N GLU B 398 12.55 -23.68 20.19
CA GLU B 398 11.90 -24.50 19.17
C GLU B 398 10.47 -24.02 18.92
N ALA B 399 9.78 -23.66 20.00
CA ALA B 399 8.39 -23.21 19.92
C ALA B 399 8.27 -21.94 19.10
N ILE B 400 9.10 -20.96 19.41
CA ILE B 400 9.11 -19.69 18.69
C ILE B 400 9.42 -19.89 17.21
N GLN B 401 10.40 -20.77 16.94
CA GLN B 401 10.77 -21.13 15.58
C GLN B 401 9.57 -21.68 14.81
N ILE B 402 8.87 -22.63 15.41
CA ILE B 402 7.72 -23.26 14.78
C ILE B 402 6.57 -22.26 14.64
N ALA B 403 6.35 -21.48 15.70
CA ALA B 403 5.29 -20.47 15.71
C ALA B 403 5.49 -19.49 14.56
N ASN B 404 6.75 -19.14 14.32
CA ASN B 404 7.07 -18.16 13.29
C ASN B 404 7.32 -18.78 11.92
N ASP B 405 7.33 -20.10 11.81
CA ASP B 405 7.44 -20.64 10.47
C ASP B 405 6.00 -20.84 10.03
N THR B 406 5.56 -19.91 9.21
CA THR B 406 4.24 -19.88 8.60
C THR B 406 4.37 -18.85 7.48
N LYS B 407 3.44 -18.84 6.53
CA LYS B 407 3.43 -17.73 5.57
C LYS B 407 2.63 -16.51 6.07
N TYR B 408 2.00 -16.65 7.24
CA TYR B 408 1.10 -15.61 7.75
C TYR B 408 1.65 -14.83 8.95
N GLY B 409 1.42 -13.52 8.95
CA GLY B 409 1.78 -12.66 10.07
C GLY B 409 0.63 -12.12 10.92
N LEU B 410 -0.53 -12.75 10.87
CA LEU B 410 -1.73 -12.12 11.40
C LEU B 410 -1.89 -12.02 12.93
N ALA B 411 -1.75 -13.14 13.64
CA ALA B 411 -2.01 -13.14 15.08
C ALA B 411 -1.20 -14.20 15.81
N GLY B 412 -1.09 -14.05 17.13
CA GLY B 412 -0.41 -15.01 17.96
C GLY B 412 -0.93 -14.96 19.38
N TYR B 413 -0.75 -16.06 20.12
CA TYR B 413 -1.25 -16.15 21.47
C TYR B 413 -0.28 -16.94 22.34
N VAL B 414 -0.10 -16.47 23.57
CA VAL B 414 0.68 -17.22 24.55
C VAL B 414 -0.07 -17.26 25.87
N ILE B 415 -0.09 -18.43 26.50
CA ILE B 415 -0.74 -18.57 27.79
C ILE B 415 0.20 -19.26 28.78
N GLY B 416 0.43 -18.60 29.92
CA GLY B 416 1.34 -19.13 30.91
C GLY B 416 1.37 -18.30 32.18
N LYS B 417 2.38 -18.51 32.99
CA LYS B 417 2.49 -17.85 34.29
C LYS B 417 3.68 -16.89 34.40
N ASP B 418 4.90 -17.41 34.27
CA ASP B 418 6.10 -16.60 34.39
C ASP B 418 6.07 -15.42 33.43
N LYS B 419 6.27 -14.23 33.97
CA LYS B 419 6.02 -12.98 33.26
C LYS B 419 7.12 -12.65 32.25
N GLU B 420 8.36 -12.96 32.59
CA GLU B 420 9.49 -12.71 31.69
C GLU B 420 9.38 -13.62 30.48
N THR B 421 8.96 -14.87 30.73
CA THR B 421 8.80 -15.85 29.68
C THR B 421 7.67 -15.44 28.73
N LEU B 422 6.58 -14.96 29.30
CA LEU B 422 5.45 -14.48 28.51
C LEU B 422 5.86 -13.30 27.62
N HIS B 423 6.58 -12.35 28.21
CA HIS B 423 7.06 -11.18 27.48
C HIS B 423 7.94 -11.54 26.30
N LYS B 424 8.89 -12.45 26.54
CA LYS B 424 9.83 -12.86 25.51
C LYS B 424 9.12 -13.55 24.35
N VAL B 425 8.23 -14.49 24.67
CA VAL B 425 7.44 -15.18 23.67
C VAL B 425 6.59 -14.19 22.88
N ALA B 426 5.89 -13.31 23.59
CA ALA B 426 5.05 -12.30 22.98
C ALA B 426 5.84 -11.43 22.00
N ARG B 427 7.03 -11.02 22.40
CA ARG B 427 7.88 -10.18 21.56
C ARG B 427 8.50 -10.96 20.41
N SER B 428 8.69 -12.26 20.61
CA SER B 428 9.33 -13.11 19.60
C SER B 428 8.40 -13.51 18.45
N ILE B 429 7.13 -13.77 18.77
CA ILE B 429 6.15 -14.16 17.76
C ILE B 429 5.97 -13.03 16.75
N GLU B 430 6.07 -13.34 15.46
CA GLU B 430 5.88 -12.29 14.48
C GLU B 430 4.41 -12.30 14.10
N ALA B 431 3.70 -11.27 14.57
CA ALA B 431 2.29 -11.10 14.27
C ALA B 431 1.90 -9.66 14.51
N GLY B 432 0.79 -9.22 13.92
CA GLY B 432 0.31 -7.86 14.14
C GLY B 432 -0.35 -7.74 15.49
N THR B 433 -0.89 -8.85 15.97
CA THR B 433 -1.58 -8.88 17.25
C THR B 433 -1.16 -10.10 18.05
N VAL B 434 -0.61 -9.86 19.24
CA VAL B 434 -0.27 -10.95 20.15
C VAL B 434 -1.05 -10.81 21.44
N GLU B 435 -1.63 -11.91 21.90
CA GLU B 435 -2.47 -11.90 23.09
C GLU B 435 -1.86 -12.74 24.20
N ILE B 436 -1.63 -12.11 25.35
CA ILE B 436 -1.09 -12.82 26.52
C ILE B 436 -2.22 -13.17 27.48
N ASN B 437 -2.36 -14.46 27.79
CA ASN B 437 -3.35 -14.94 28.74
C ASN B 437 -4.78 -14.45 28.51
N GLU B 438 -5.24 -14.54 27.26
CA GLU B 438 -6.63 -14.24 26.91
C GLU B 438 -7.09 -12.84 27.29
N ALA B 439 -6.18 -11.89 27.33
CA ALA B 439 -6.53 -10.51 27.59
C ALA B 439 -7.38 -9.94 26.45
N GLY B 440 -8.16 -8.91 26.75
CA GLY B 440 -9.02 -8.29 25.75
C GLY B 440 -8.24 -7.64 24.62
N GLY B 463 -7.83 3.68 10.57
CA GLY B 463 -9.26 3.66 10.33
C GLY B 463 -9.69 4.69 9.31
N ILE B 464 -10.00 5.89 9.80
CA ILE B 464 -10.38 7.00 8.93
C ILE B 464 -9.22 7.41 8.04
N GLU B 465 -8.00 7.14 8.51
CA GLU B 465 -6.78 7.51 7.79
C GLU B 465 -6.72 6.86 6.41
N GLU B 466 -7.30 5.66 6.32
CA GLU B 466 -7.29 4.87 5.10
C GLU B 466 -7.98 5.61 3.94
N PHE B 467 -8.99 6.40 4.28
CA PHE B 467 -9.76 7.12 3.26
C PHE B 467 -9.30 8.57 3.03
N LEU B 468 -8.23 8.97 3.70
CA LEU B 468 -7.67 10.30 3.54
C LEU B 468 -6.33 10.29 2.84
N GLU B 469 -6.04 11.34 2.08
CA GLU B 469 -4.70 11.57 1.56
C GLU B 469 -4.20 12.98 1.85
N VAL B 470 -2.89 13.13 1.97
CA VAL B 470 -2.29 14.39 2.35
C VAL B 470 -1.94 15.26 1.15
N LYS B 471 -2.32 16.53 1.23
CA LYS B 471 -1.96 17.51 0.21
C LYS B 471 -1.29 18.70 0.89
N SER B 472 -0.07 19.01 0.47
CA SER B 472 0.63 20.17 1.01
C SER B 472 0.67 21.28 -0.01
N ILE B 473 0.22 22.47 0.39
CA ILE B 473 0.30 23.64 -0.46
C ILE B 473 1.43 24.54 0.01
N ALA B 474 2.48 24.61 -0.78
CA ALA B 474 3.67 25.37 -0.42
C ALA B 474 3.46 26.86 -0.61
N GLY B 475 3.76 27.63 0.44
CA GLY B 475 3.69 29.09 0.38
C GLY B 475 2.26 29.60 0.40
N TYR B 476 1.35 28.77 0.91
CA TYR B 476 -0.05 29.16 1.06
C TYR B 476 -0.17 30.45 1.86
N PHE B 477 0.56 30.53 2.97
CA PHE B 477 0.51 31.69 3.85
C PHE B 477 1.58 32.74 3.56
N LYS B 478 2.44 32.45 2.58
CA LYS B 478 3.54 33.35 2.24
C LYS B 478 3.02 34.59 1.51
C1 GOL C . -0.47 -2.37 -1.99
O1 GOL C . -0.36 -1.18 -2.73
C2 GOL C . -0.24 -2.09 -0.52
O2 GOL C . 1.08 -2.49 -0.18
C3 GOL C . -1.22 -2.88 0.34
O3 GOL C . -1.31 -2.31 1.62
C1 GOL D . 35.87 -8.16 -14.07
O1 GOL D . 35.89 -9.55 -14.33
C2 GOL D . 36.68 -7.86 -12.82
O2 GOL D . 35.86 -8.00 -11.68
C3 GOL D . 37.85 -8.83 -12.71
O3 GOL D . 38.65 -8.74 -13.87
C1 GOL E . 34.66 -1.05 -6.16
O1 GOL E . 34.80 -0.38 -4.92
C2 GOL E . 34.09 -2.44 -5.94
O2 GOL E . 33.07 -2.70 -6.88
C3 GOL E . 35.18 -3.49 -6.07
O3 GOL E . 36.02 -3.43 -4.94
C1 PEG F . 19.40 -18.73 -9.64
O1 PEG F . 18.45 -19.01 -10.58
C2 PEG F . 19.10 -19.06 -8.21
O2 PEG F . 20.09 -18.98 -7.27
C3 PEG F . 20.06 -19.82 -6.17
C4 PEG F . 21.03 -19.59 -5.05
O4 PEG F . 20.69 -20.01 -3.79
C1 GOL G . -37.14 8.63 -1.53
O1 GOL G . -36.78 8.39 -2.87
C2 GOL G . -35.96 9.24 -0.78
O2 GOL G . -34.93 9.55 -1.69
C3 GOL G . -35.43 8.24 0.25
O3 GOL G . -36.46 7.86 1.13
C1 GOL H . -39.05 -6.90 -9.83
O1 GOL H . -38.12 -7.31 -10.80
C2 GOL H . -38.44 -7.06 -8.45
O2 GOL H . -37.06 -6.73 -8.49
C3 GOL H . -38.60 -8.51 -8.01
O3 GOL H . -38.19 -9.36 -9.06
C1 GOL I . -35.38 -2.88 -1.64
O1 GOL I . -36.73 -2.89 -1.25
C2 GOL I . -34.64 -4.03 -0.98
O2 GOL I . -33.50 -4.38 -1.75
C3 GOL I . -34.20 -3.59 0.41
O3 GOL I . -35.30 -3.02 1.11
MG MG J . -25.27 -17.76 3.07
C1 GOL K . -39.12 -3.86 10.90
O1 GOL K . -38.07 -3.87 11.86
C2 GOL K . -38.69 -4.67 9.67
O2 GOL K . -39.78 -5.43 9.20
C3 GOL K . -38.23 -3.70 8.58
O3 GOL K . -37.84 -4.45 7.43
C1 PEG L . -22.12 -4.88 -18.83
O1 PEG L . -23.10 -5.49 -18.09
C2 PEG L . -22.19 -3.40 -18.94
O2 PEG L . -21.02 -2.73 -19.23
C3 PEG L . -21.01 -1.39 -19.47
C4 PEG L . -21.24 -0.44 -18.36
O4 PEG L . -21.09 0.91 -18.60
#